data_3AQL
#
_entry.id   3AQL
#
_cell.length_a   133.012
_cell.length_b   133.012
_cell.length_c   176.845
_cell.angle_alpha   90.00
_cell.angle_beta   90.00
_cell.angle_gamma   90.00
#
_symmetry.space_group_name_H-M   'P 42 21 2'
#
loop_
_entity.id
_entity.type
_entity.pdbx_description
1 polymer 'Poly(A) polymerase'
2 non-polymer 'MAGNESIUM ION'
3 non-polymer GLYCEROL
#
_entity_poly.entity_id   1
_entity_poly.type   'polypeptide(L)'
_entity_poly.pdbx_seq_one_letter_code
;QVTVIPREQHAISRKDISENALKVMYRLNKAGYEAWLVGGGVRDLLLGKKPKDFDVTTNATPEQVRKLFRNCRLVGRRFR
LAHVMFGPEIIEVATFRGHHEGNVSDRTTSQRGQNGMLLRDNIFGSIEEDAQRRDFTINSLYYSVADFTVRDYVGGMKDL
KDGVIRLIGNPETRYREDPVRMLRAVRFAAKLGMRISPETAEPIPRLATLLNDIPPAHLFEESLKLLQAGYGYETYKLLC
EYHLFQPLFPTITRYFTENGDSPMERIIEQVLKNTDTRIHNDMRVNPAFLFAAMFWYPLLETAQKIAQESGLTYHDAFAL
AMNDVLDEACRSLAIPKRLTTLTRDIWQLQLRMSRRQGKRAWKLLEHPKFRAAYDLLALRAEVERNAELQRLVKWWGEFQ
VSAPPDQKGMLNELD
;
_entity_poly.pdbx_strand_id   A,B
#
loop_
_chem_comp.id
_chem_comp.type
_chem_comp.name
_chem_comp.formula
GOL non-polymer GLYCEROL 'C3 H8 O3'
MG non-polymer 'MAGNESIUM ION' 'Mg 2'
#
# COMPACT_ATOMS: atom_id res chain seq x y z
N GLN A 1 21.44 -15.16 49.50
CA GLN A 1 22.75 -15.76 49.75
C GLN A 1 23.72 -15.61 48.54
N VAL A 2 23.45 -16.33 47.45
CA VAL A 2 24.29 -16.30 46.23
C VAL A 2 23.99 -15.10 45.30
N THR A 3 24.42 -13.91 45.69
CA THR A 3 23.90 -12.69 45.04
C THR A 3 24.71 -12.11 43.89
N VAL A 4 26.02 -12.37 43.81
CA VAL A 4 26.81 -11.85 42.68
C VAL A 4 27.53 -12.92 41.87
N ILE A 5 27.18 -13.04 40.59
CA ILE A 5 27.69 -14.12 39.76
C ILE A 5 28.53 -13.63 38.54
N PRO A 6 29.84 -13.97 38.54
CA PRO A 6 30.96 -13.55 37.68
C PRO A 6 31.00 -14.13 36.27
N ARG A 7 31.64 -13.40 35.36
CA ARG A 7 31.57 -13.66 33.92
C ARG A 7 31.69 -15.12 33.53
N GLU A 8 32.58 -15.88 34.13
CA GLU A 8 32.75 -17.25 33.68
C GLU A 8 31.55 -18.14 34.00
N GLN A 9 31.06 -18.05 35.23
CA GLN A 9 30.05 -19.00 35.69
C GLN A 9 28.64 -18.59 35.28
N HIS A 10 28.47 -17.36 34.82
CA HIS A 10 27.19 -17.03 34.21
C HIS A 10 27.29 -17.22 32.71
N ALA A 11 26.17 -17.45 32.05
CA ALA A 11 26.20 -17.93 30.69
C ALA A 11 26.70 -16.75 29.93
N ILE A 12 28.01 -16.63 29.98
CA ILE A 12 28.65 -15.38 29.72
C ILE A 12 27.76 -14.61 28.78
N SER A 13 27.13 -13.59 29.34
CA SER A 13 26.41 -12.68 28.52
C SER A 13 27.70 -11.97 28.22
N ARG A 14 28.16 -12.12 26.99
CA ARG A 14 29.46 -11.61 26.57
C ARG A 14 29.41 -10.16 26.13
N LYS A 15 30.34 -9.35 26.62
CA LYS A 15 30.29 -7.91 26.31
C LYS A 15 30.13 -7.62 24.79
N ASP A 16 30.33 -8.64 23.96
CA ASP A 16 30.33 -8.49 22.51
C ASP A 16 28.93 -8.66 21.94
N ILE A 17 28.03 -9.20 22.75
CA ILE A 17 26.68 -9.41 22.28
C ILE A 17 25.77 -8.27 22.78
N SER A 18 26.36 -7.21 23.33
CA SER A 18 25.65 -5.96 23.65
C SER A 18 25.74 -4.93 22.52
N GLU A 19 24.59 -4.45 22.05
CA GLU A 19 24.53 -3.38 21.06
C GLU A 19 25.14 -2.14 21.68
N ASN A 20 25.74 -1.26 20.88
CA ASN A 20 26.44 -0.12 21.49
C ASN A 20 25.52 0.92 22.12
N ALA A 21 24.69 0.40 23.02
CA ALA A 21 24.19 1.13 24.17
C ALA A 21 25.27 0.98 25.25
N LEU A 22 26.36 0.30 24.88
CA LEU A 22 27.55 0.30 25.71
C LEU A 22 28.07 1.71 25.74
N LYS A 23 27.87 2.45 24.65
CA LYS A 23 28.37 3.80 24.62
C LYS A 23 27.68 4.64 25.69
N VAL A 24 26.42 4.31 25.97
CA VAL A 24 25.65 5.06 26.98
C VAL A 24 25.94 4.65 28.42
N MET A 25 26.30 3.39 28.65
CA MET A 25 26.72 3.02 30.00
C MET A 25 28.06 3.67 30.33
N TYR A 26 28.95 3.65 29.34
CA TYR A 26 30.31 4.20 29.45
C TYR A 26 30.30 5.65 29.89
N ARG A 27 29.45 6.47 29.29
CA ARG A 27 29.41 7.89 29.63
C ARG A 27 28.97 8.05 31.06
N LEU A 28 28.14 7.10 31.51
CA LEU A 28 27.61 7.10 32.86
C LEU A 28 28.68 6.65 33.84
N ASN A 29 29.35 5.56 33.52
CA ASN A 29 30.46 5.08 34.33
C ASN A 29 31.60 6.10 34.38
N LYS A 30 32.17 6.41 33.21
CA LYS A 30 33.19 7.45 33.12
C LYS A 30 32.84 8.65 34.01
N ALA A 31 31.55 8.95 34.14
CA ALA A 31 31.10 10.15 34.86
C ALA A 31 30.76 9.94 36.34
N GLY A 32 31.06 8.76 36.88
CA GLY A 32 30.99 8.57 38.31
C GLY A 32 29.77 7.86 38.87
N TYR A 33 28.78 7.62 38.01
CA TYR A 33 27.60 6.85 38.40
C TYR A 33 27.84 5.40 37.98
N GLU A 34 26.99 4.48 38.43
CA GLU A 34 27.08 3.11 37.93
C GLU A 34 25.96 2.88 36.92
N ALA A 35 26.07 1.82 36.12
CA ALA A 35 25.10 1.63 35.06
C ALA A 35 24.87 0.17 34.73
N TRP A 36 23.63 -0.27 34.93
CA TRP A 36 23.28 -1.67 34.82
C TRP A 36 22.22 -1.98 33.78
N LEU A 37 22.37 -3.15 33.19
CA LEU A 37 21.50 -3.63 32.16
C LEU A 37 20.46 -4.53 32.80
N VAL A 38 19.21 -4.42 32.40
CA VAL A 38 18.15 -5.11 33.13
C VAL A 38 17.09 -5.85 32.35
N GLY A 39 16.73 -7.01 32.86
CA GLY A 39 15.47 -7.63 32.50
C GLY A 39 15.37 -8.14 31.09
N GLY A 40 14.46 -7.55 30.31
CA GLY A 40 14.22 -8.03 28.95
C GLY A 40 15.47 -8.55 28.27
N GLY A 41 16.46 -7.66 28.15
CA GLY A 41 17.74 -8.00 27.60
C GLY A 41 18.52 -9.06 28.35
N VAL A 42 18.82 -8.81 29.62
CA VAL A 42 19.74 -9.65 30.37
C VAL A 42 19.19 -11.05 30.49
N ARG A 43 17.86 -11.18 30.43
CA ARG A 43 17.22 -12.51 30.47
C ARG A 43 17.41 -13.38 29.22
N ASP A 44 17.13 -12.81 28.06
CA ASP A 44 17.46 -13.42 26.77
C ASP A 44 18.94 -13.67 26.56
N LEU A 45 19.79 -12.73 26.97
CA LEU A 45 21.21 -13.01 26.89
C LEU A 45 21.61 -14.28 27.64
N LEU A 46 21.35 -14.34 28.94
CA LEU A 46 21.70 -15.52 29.74
C LEU A 46 21.10 -16.78 29.13
N LEU A 47 19.96 -16.62 28.47
CA LEU A 47 19.26 -17.73 27.85
C LEU A 47 19.87 -18.09 26.50
N GLY A 48 20.64 -17.16 25.94
CA GLY A 48 21.29 -17.41 24.67
C GLY A 48 20.74 -16.58 23.52
N LYS A 49 19.41 -16.49 23.41
CA LYS A 49 18.77 -15.77 22.30
C LYS A 49 19.29 -14.34 22.12
N LYS A 50 18.92 -13.70 21.01
CA LYS A 50 19.26 -12.30 20.81
C LYS A 50 18.21 -11.46 21.50
N PRO A 51 18.65 -10.55 22.40
CA PRO A 51 17.74 -9.60 23.06
C PRO A 51 16.97 -8.77 22.05
N LYS A 52 15.85 -8.20 22.45
CA LYS A 52 15.09 -7.37 21.53
C LYS A 52 15.19 -5.94 21.94
N ASP A 53 15.81 -5.71 23.09
CA ASP A 53 15.92 -4.39 23.65
C ASP A 53 17.04 -4.36 24.65
N PHE A 54 17.55 -3.18 24.91
CA PHE A 54 18.51 -3.01 26.00
C PHE A 54 18.14 -1.81 26.86
N ASP A 55 17.67 -2.09 28.07
CA ASP A 55 17.29 -1.04 28.99
C ASP A 55 18.39 -0.94 30.04
N VAL A 56 18.86 0.28 30.32
CA VAL A 56 19.88 0.44 31.35
C VAL A 56 19.33 1.23 32.50
N THR A 57 19.76 0.88 33.70
CA THR A 57 19.31 1.57 34.88
C THR A 57 20.51 2.18 35.54
N THR A 58 20.31 3.35 36.14
CA THR A 58 21.39 4.05 36.83
C THR A 58 20.92 4.73 38.10
N ASN A 59 21.87 5.15 38.90
CA ASN A 59 21.59 5.89 40.13
C ASN A 59 21.86 7.37 39.95
N ALA A 60 21.76 7.84 38.72
CA ALA A 60 21.84 9.27 38.51
C ALA A 60 20.42 9.81 38.65
N THR A 61 20.26 10.99 39.25
CA THR A 61 18.96 11.66 39.26
C THR A 61 18.45 11.63 37.82
N PRO A 62 17.13 11.57 37.64
CA PRO A 62 16.69 11.83 36.27
C PRO A 62 17.29 13.17 35.83
N GLU A 63 17.50 14.06 36.79
CA GLU A 63 18.07 15.38 36.53
C GLU A 63 19.55 15.33 36.11
N GLN A 64 20.31 14.44 36.75
CA GLN A 64 21.72 14.30 36.42
C GLN A 64 21.89 13.63 35.06
N VAL A 65 20.99 12.71 34.73
CA VAL A 65 21.00 12.04 33.43
C VAL A 65 20.72 13.07 32.34
N ARG A 66 19.77 13.97 32.61
CA ARG A 66 19.36 14.99 31.64
C ARG A 66 20.54 15.88 31.24
N LYS A 67 21.36 16.22 32.23
CA LYS A 67 22.52 17.07 32.03
C LYS A 67 23.63 16.35 31.24
N LEU A 68 23.99 15.16 31.65
CA LEU A 68 25.14 14.46 31.08
C LEU A 68 25.00 14.12 29.61
N PHE A 69 23.78 14.23 29.09
CA PHE A 69 23.47 13.74 27.76
C PHE A 69 22.85 14.85 26.93
N ARG A 70 23.19 16.10 27.25
CA ARG A 70 22.70 17.25 26.48
C ARG A 70 23.09 17.14 24.99
N ASN A 71 24.36 16.81 24.73
CA ASN A 71 24.86 16.69 23.36
C ASN A 71 24.12 15.64 22.56
N CYS A 72 23.30 14.84 23.23
CA CYS A 72 22.67 13.66 22.63
C CYS A 72 21.25 13.88 22.09
N ARG A 73 20.77 12.87 21.36
CA ARG A 73 19.42 12.89 20.82
C ARG A 73 18.43 12.20 21.78
N LEU A 74 18.14 12.86 22.90
CA LEU A 74 17.33 12.30 23.98
C LEU A 74 15.83 12.61 23.87
N VAL A 75 15.05 11.60 23.49
CA VAL A 75 13.60 11.72 23.26
C VAL A 75 12.79 11.81 24.58
N GLY A 76 11.88 12.79 24.65
CA GLY A 76 11.41 13.30 25.93
C GLY A 76 10.28 12.67 26.74
N ARG A 77 10.03 13.27 27.91
CA ARG A 77 8.89 12.92 28.74
C ARG A 77 9.06 11.67 29.62
N ARG A 78 8.13 11.50 30.53
CA ARG A 78 8.08 10.33 31.40
C ARG A 78 9.01 10.46 32.58
N PHE A 79 8.45 10.67 33.77
CA PHE A 79 9.29 10.85 34.97
C PHE A 79 10.20 9.63 35.17
N ARG A 80 11.41 9.88 35.63
CA ARG A 80 12.41 8.85 35.66
C ARG A 80 12.62 8.52 34.20
N LEU A 81 12.36 7.28 33.84
CA LEU A 81 12.78 6.79 32.55
C LEU A 81 13.17 7.93 31.65
N ALA A 82 14.36 7.80 31.07
CA ALA A 82 14.86 8.69 30.02
C ALA A 82 15.21 7.91 28.74
N HIS A 83 15.03 8.55 27.59
CA HIS A 83 15.12 7.88 26.30
C HIS A 83 16.21 8.44 25.39
N VAL A 84 16.99 7.57 24.77
CA VAL A 84 18.05 8.00 23.87
C VAL A 84 18.00 7.27 22.51
N MET A 85 18.17 8.05 21.44
CA MET A 85 18.05 7.56 20.06
C MET A 85 19.35 7.55 19.25
N PHE A 86 19.44 6.60 18.31
CA PHE A 86 20.59 6.46 17.42
C PHE A 86 20.16 6.37 15.96
N GLY A 87 19.89 5.13 15.54
CA GLY A 87 19.30 4.82 14.25
C GLY A 87 17.95 4.11 14.40
N PRO A 88 17.99 2.80 14.38
CA PRO A 88 16.81 1.99 14.63
C PRO A 88 16.89 1.56 16.08
N GLU A 89 17.62 2.32 16.90
CA GLU A 89 17.95 1.88 18.24
C GLU A 89 17.58 2.99 19.22
N ILE A 90 16.83 2.61 20.27
CA ILE A 90 16.50 3.49 21.39
C ILE A 90 16.91 2.78 22.66
N ILE A 91 17.44 3.55 23.61
CA ILE A 91 18.02 2.99 24.82
C ILE A 91 17.36 3.60 26.04
N GLU A 92 16.67 2.75 26.81
CA GLU A 92 15.91 3.18 27.97
C GLU A 92 16.86 3.43 29.14
N VAL A 93 16.85 4.63 29.70
CA VAL A 93 17.76 4.93 30.82
C VAL A 93 17.08 5.45 32.08
N ALA A 94 16.59 4.54 32.91
CA ALA A 94 15.81 4.93 34.07
C ALA A 94 16.63 4.91 35.35
N THR A 95 16.32 5.84 36.26
CA THR A 95 16.94 5.86 37.58
C THR A 95 16.41 4.71 38.42
N PHE A 96 17.16 4.31 39.44
CA PHE A 96 16.68 3.30 40.37
C PHE A 96 15.47 3.87 41.11
N ARG A 97 14.71 3.00 41.78
CA ARG A 97 13.62 3.45 42.64
C ARG A 97 13.75 2.88 44.06
N GLY A 98 13.09 3.52 45.04
CA GLY A 98 13.16 3.09 46.42
C GLY A 98 11.79 2.96 47.05
N ASN A 122 13.61 10.08 49.18
CA ASN A 122 12.31 9.48 49.44
C ASN A 122 11.92 8.46 48.36
N ILE A 123 11.86 8.93 47.11
CA ILE A 123 11.46 8.11 45.98
C ILE A 123 12.48 7.03 45.64
N PHE A 124 13.71 7.46 45.34
CA PHE A 124 14.72 6.57 44.77
C PHE A 124 15.97 6.32 45.64
N GLY A 125 16.55 5.12 45.47
CA GLY A 125 17.75 4.71 46.19
C GLY A 125 18.37 3.43 45.65
N SER A 126 19.08 2.70 46.50
CA SER A 126 20.04 1.64 46.11
C SER A 126 19.60 0.46 45.23
N ILE A 127 20.54 0.03 44.39
CA ILE A 127 20.33 -0.96 43.34
C ILE A 127 19.44 -2.08 43.85
N GLU A 128 19.60 -2.42 45.14
CA GLU A 128 18.83 -3.49 45.75
C GLU A 128 17.38 -3.05 45.98
N GLU A 129 17.21 -1.82 46.46
CA GLU A 129 15.86 -1.25 46.60
C GLU A 129 15.08 -1.37 45.29
N ASP A 130 15.75 -1.20 44.16
CA ASP A 130 15.11 -1.25 42.84
C ASP A 130 14.65 -2.66 42.48
N ALA A 131 15.44 -3.67 42.76
CA ALA A 131 15.18 -4.98 42.20
C ALA A 131 13.82 -5.46 42.66
N GLN A 132 13.28 -4.77 43.64
CA GLN A 132 12.07 -5.24 44.36
C GLN A 132 10.76 -4.79 43.71
N ARG A 133 10.77 -3.70 42.95
CA ARG A 133 9.55 -3.18 42.36
C ARG A 133 9.34 -3.78 40.97
N ARG A 134 10.28 -4.60 40.52
CA ARG A 134 10.13 -5.32 39.26
C ARG A 134 9.21 -6.50 39.46
N ASP A 135 8.31 -6.75 38.51
CA ASP A 135 7.32 -7.82 38.65
C ASP A 135 7.77 -9.29 38.74
N PHE A 136 8.65 -9.77 37.86
CA PHE A 136 9.15 -11.14 37.99
C PHE A 136 10.66 -11.34 38.15
N THR A 137 11.02 -12.51 38.65
CA THR A 137 12.40 -12.85 38.98
C THR A 137 13.33 -12.71 37.79
N ILE A 138 13.18 -13.57 36.80
CA ILE A 138 14.05 -13.52 35.63
C ILE A 138 14.22 -12.11 35.01
N ASN A 139 13.16 -11.31 34.99
CA ASN A 139 13.26 -9.96 34.42
C ASN A 139 13.86 -8.99 35.37
N SER A 140 14.55 -9.51 36.38
CA SER A 140 15.17 -8.62 37.34
C SER A 140 16.58 -9.01 37.73
N LEU A 141 17.27 -9.65 36.79
CA LEU A 141 18.70 -9.81 36.84
C LEU A 141 19.39 -8.51 36.36
N TYR A 142 20.53 -8.16 36.95
CA TYR A 142 21.26 -6.94 36.59
C TYR A 142 22.69 -7.22 36.05
N TYR A 143 23.07 -6.58 34.95
CA TYR A 143 24.42 -6.79 34.38
C TYR A 143 25.22 -5.51 34.29
N SER A 144 26.50 -5.59 34.63
CA SER A 144 27.38 -4.43 34.51
C SER A 144 28.52 -4.77 33.61
N VAL A 145 28.81 -3.87 32.67
CA VAL A 145 29.94 -4.08 31.80
C VAL A 145 31.22 -3.64 32.52
N ALA A 146 31.05 -2.90 33.61
CA ALA A 146 32.19 -2.46 34.40
C ALA A 146 32.90 -3.59 35.17
N ASP A 147 32.19 -4.69 35.42
CA ASP A 147 32.74 -5.85 36.12
C ASP A 147 32.43 -7.24 35.54
N PHE A 148 31.51 -7.31 34.60
CA PHE A 148 31.06 -8.55 33.98
C PHE A 148 30.33 -9.49 34.95
N THR A 149 29.92 -8.92 36.09
CA THR A 149 29.18 -9.67 37.08
C THR A 149 27.72 -9.41 36.84
N VAL A 150 26.89 -10.41 37.06
CA VAL A 150 25.46 -10.19 37.12
C VAL A 150 25.03 -10.33 38.58
N ARG A 151 24.33 -9.32 39.07
CA ARG A 151 23.75 -9.33 40.40
C ARG A 151 22.36 -10.00 40.41
N ASP A 152 22.13 -10.84 41.42
CA ASP A 152 20.89 -11.60 41.55
C ASP A 152 20.32 -11.40 42.96
N TYR A 153 19.39 -10.45 43.10
CA TYR A 153 18.76 -10.22 44.40
C TYR A 153 17.38 -10.86 44.53
N VAL A 154 17.13 -11.90 43.76
CA VAL A 154 15.89 -12.66 43.88
C VAL A 154 16.19 -14.07 43.40
N GLY A 155 15.16 -14.90 43.26
CA GLY A 155 15.38 -16.24 42.72
C GLY A 155 16.21 -16.14 41.43
N GLY A 156 16.01 -15.04 40.72
CA GLY A 156 16.60 -14.78 39.43
C GLY A 156 17.28 -15.96 38.76
N MET A 157 18.60 -16.01 38.90
CA MET A 157 19.40 -17.02 38.22
C MET A 157 18.79 -18.41 38.35
N LYS A 158 18.42 -18.78 39.57
CA LYS A 158 17.89 -20.12 39.79
C LYS A 158 16.59 -20.35 39.03
N ASP A 159 15.68 -19.38 39.10
CA ASP A 159 14.39 -19.49 38.40
C ASP A 159 14.59 -19.59 36.89
N LEU A 160 15.54 -18.80 36.41
CA LEU A 160 15.92 -18.84 35.02
C LEU A 160 16.33 -20.25 34.61
N LYS A 161 17.27 -20.80 35.35
CA LYS A 161 17.73 -22.14 35.10
C LYS A 161 16.52 -23.08 35.15
N ASP A 162 15.74 -22.99 36.24
CA ASP A 162 14.62 -23.90 36.52
C ASP A 162 13.43 -23.80 35.58
N GLY A 163 13.30 -22.67 34.89
CA GLY A 163 12.18 -22.47 33.99
C GLY A 163 10.90 -22.05 34.68
N VAL A 164 10.98 -20.97 35.45
CA VAL A 164 9.91 -20.54 36.36
C VAL A 164 9.57 -19.03 36.35
N ILE A 165 8.30 -18.71 36.08
CA ILE A 165 7.82 -17.34 36.24
C ILE A 165 7.30 -17.23 37.65
N ARG A 166 7.97 -16.43 38.46
CA ARG A 166 7.66 -16.33 39.88
C ARG A 166 7.53 -14.89 40.27
N LEU A 167 6.38 -14.50 40.80
CA LEU A 167 6.15 -13.09 41.16
C LEU A 167 7.05 -12.70 42.32
N ILE A 168 7.31 -11.42 42.49
CA ILE A 168 8.34 -10.99 43.41
C ILE A 168 7.90 -11.02 44.88
N GLY A 169 7.02 -10.09 45.26
CA GLY A 169 6.65 -9.96 46.66
C GLY A 169 5.53 -10.90 47.06
N ASN A 170 4.46 -10.30 47.59
CA ASN A 170 3.25 -11.08 47.84
C ASN A 170 2.32 -11.02 46.65
N PRO A 171 2.21 -12.15 45.93
CA PRO A 171 1.27 -12.17 44.81
C PRO A 171 -0.01 -11.42 45.16
N GLU A 172 -0.81 -11.98 46.06
CA GLU A 172 -2.07 -11.35 46.42
C GLU A 172 -2.00 -9.83 46.39
N THR A 173 -1.06 -9.25 47.14
CA THR A 173 -1.05 -7.80 47.29
C THR A 173 -0.76 -7.11 45.97
N ARG A 174 0.20 -7.68 45.25
CA ARG A 174 0.71 -7.06 44.02
C ARG A 174 -0.34 -7.06 42.93
N TYR A 175 -0.87 -8.24 42.61
CA TYR A 175 -1.95 -8.32 41.65
C TYR A 175 -3.03 -7.29 41.95
N ARG A 176 -3.20 -6.90 43.20
CA ARG A 176 -4.24 -5.93 43.52
C ARG A 176 -3.72 -4.54 43.22
N GLU A 177 -2.45 -4.32 43.53
CA GLU A 177 -1.81 -3.06 43.21
C GLU A 177 -1.85 -2.80 41.70
N ASP A 178 -1.54 -3.84 40.90
CA ASP A 178 -1.71 -3.81 39.44
C ASP A 178 -2.19 -5.14 38.86
N PRO A 179 -3.44 -5.19 38.41
CA PRO A 179 -3.98 -6.45 37.88
C PRO A 179 -3.29 -6.92 36.60
N VAL A 180 -2.69 -6.01 35.84
CA VAL A 180 -2.08 -6.43 34.58
C VAL A 180 -0.87 -7.33 34.80
N ARG A 181 -0.19 -7.17 35.93
CA ARG A 181 0.85 -8.10 36.33
C ARG A 181 0.35 -9.53 36.14
N MET A 182 -0.97 -9.72 36.15
CA MET A 182 -1.53 -11.05 35.99
C MET A 182 -1.36 -11.54 34.58
N LEU A 183 -1.69 -10.66 33.64
CA LEU A 183 -1.56 -10.97 32.23
C LEU A 183 -0.08 -11.15 31.91
N ARG A 184 0.73 -10.16 32.28
CA ARG A 184 2.15 -10.30 32.07
C ARG A 184 2.55 -11.72 32.43
N ALA A 185 2.37 -12.10 33.68
CA ALA A 185 2.74 -13.44 34.11
C ALA A 185 2.35 -14.53 33.11
N VAL A 186 1.15 -14.46 32.56
CA VAL A 186 0.70 -15.53 31.67
C VAL A 186 1.38 -15.41 30.32
N ARG A 187 1.72 -14.17 29.93
CA ARG A 187 2.43 -13.90 28.69
C ARG A 187 3.85 -14.42 28.68
N PHE A 188 4.62 -14.07 29.70
CA PHE A 188 5.98 -14.57 29.80
C PHE A 188 5.95 -16.08 29.84
N ALA A 189 5.09 -16.60 30.70
CA ALA A 189 4.88 -18.04 30.79
C ALA A 189 4.83 -18.71 29.42
N ALA A 190 4.15 -18.07 28.46
CA ALA A 190 3.89 -18.70 27.17
C ALA A 190 5.04 -18.51 26.20
N LYS A 191 5.59 -17.30 26.21
CA LYS A 191 6.65 -16.90 25.29
C LYS A 191 7.94 -17.68 25.55
N LEU A 192 8.47 -17.53 26.77
CA LEU A 192 9.54 -18.41 27.26
C LEU A 192 8.81 -19.72 27.39
N GLY A 193 9.49 -20.83 27.62
CA GLY A 193 8.76 -22.09 27.63
C GLY A 193 8.48 -22.67 29.00
N MET A 194 8.10 -21.81 29.96
CA MET A 194 8.17 -22.19 31.36
C MET A 194 6.91 -22.06 32.21
N ARG A 195 6.95 -22.71 33.38
CA ARG A 195 5.78 -22.85 34.24
C ARG A 195 5.64 -21.70 35.24
N ILE A 196 4.40 -21.35 35.55
CA ILE A 196 4.12 -20.31 36.53
C ILE A 196 4.20 -20.94 37.91
N SER A 197 5.00 -20.36 38.79
CA SER A 197 5.22 -20.97 40.09
C SER A 197 3.93 -20.93 40.89
N PRO A 198 3.63 -22.04 41.57
CA PRO A 198 2.50 -22.28 42.47
C PRO A 198 2.05 -21.03 43.23
N GLU A 199 2.88 -20.50 44.12
CA GLU A 199 2.46 -19.32 44.90
C GLU A 199 2.03 -18.13 44.04
N THR A 200 2.44 -18.13 42.77
CA THR A 200 2.16 -17.02 41.84
C THR A 200 0.94 -17.32 40.98
N ALA A 201 0.55 -18.59 40.93
CA ALA A 201 -0.56 -19.02 40.08
C ALA A 201 -1.90 -19.04 40.83
N GLU A 202 -1.85 -19.47 42.09
CA GLU A 202 -3.05 -19.64 42.90
C GLU A 202 -3.98 -18.44 42.77
N PRO A 203 -3.48 -17.22 43.05
CA PRO A 203 -4.41 -16.08 43.10
C PRO A 203 -5.04 -15.66 41.76
N ILE A 204 -4.53 -16.14 40.65
CA ILE A 204 -4.94 -15.60 39.34
C ILE A 204 -6.41 -15.86 39.00
N PRO A 205 -6.81 -17.14 39.03
CA PRO A 205 -8.21 -17.46 38.67
C PRO A 205 -9.20 -16.69 39.55
N ARG A 206 -8.82 -16.40 40.79
CA ARG A 206 -9.71 -15.70 41.72
C ARG A 206 -9.78 -14.22 41.38
N LEU A 207 -8.60 -13.60 41.30
CA LEU A 207 -8.53 -12.16 41.10
C LEU A 207 -8.72 -11.71 39.64
N ALA A 208 -8.87 -12.68 38.74
CA ALA A 208 -9.06 -12.39 37.31
C ALA A 208 -9.94 -11.17 37.07
N THR A 209 -11.12 -11.17 37.64
CA THR A 209 -12.11 -10.15 37.34
C THR A 209 -11.49 -8.79 37.54
N LEU A 210 -10.56 -8.71 38.48
CA LEU A 210 -9.97 -7.45 38.87
C LEU A 210 -9.60 -6.55 37.68
N LEU A 211 -9.45 -7.18 36.51
CA LEU A 211 -9.04 -6.53 35.28
C LEU A 211 -10.12 -5.59 34.77
N ASN A 212 -11.34 -5.78 35.24
CA ASN A 212 -12.46 -5.03 34.71
C ASN A 212 -12.42 -3.59 35.19
N ASP A 213 -11.59 -3.37 36.20
CA ASP A 213 -11.50 -2.07 36.84
C ASP A 213 -10.49 -1.19 36.07
N ILE A 214 -9.83 -1.80 35.08
CA ILE A 214 -8.74 -1.20 34.30
C ILE A 214 -9.21 -0.59 32.98
N PRO A 215 -8.65 0.58 32.64
CA PRO A 215 -8.97 1.27 31.38
C PRO A 215 -8.99 0.32 30.19
N PRO A 216 -10.02 0.38 29.35
CA PRO A 216 -10.00 -0.47 28.15
C PRO A 216 -8.74 -0.21 27.31
N ALA A 217 -8.13 0.97 27.45
CA ALA A 217 -6.88 1.29 26.78
C ALA A 217 -5.81 0.28 27.17
N HIS A 218 -5.54 0.15 28.43
CA HIS A 218 -4.49 -0.76 28.79
C HIS A 218 -4.80 -2.14 28.30
N LEU A 219 -6.03 -2.59 28.50
CA LEU A 219 -6.37 -3.95 28.10
C LEU A 219 -6.14 -4.18 26.62
N PHE A 220 -6.33 -3.14 25.82
CA PHE A 220 -6.03 -3.25 24.40
C PHE A 220 -4.53 -3.43 24.18
N GLU A 221 -3.74 -2.45 24.61
CA GLU A 221 -2.30 -2.58 24.55
C GLU A 221 -1.87 -4.01 24.86
N GLU A 222 -2.15 -4.45 26.08
CA GLU A 222 -1.72 -5.79 26.48
C GLU A 222 -2.39 -6.93 25.72
N SER A 223 -3.60 -6.68 25.20
CA SER A 223 -4.28 -7.72 24.46
C SER A 223 -3.46 -8.08 23.23
N LEU A 224 -2.62 -7.15 22.80
CA LEU A 224 -1.84 -7.34 21.58
C LEU A 224 -0.50 -7.95 21.88
N LYS A 225 0.07 -7.59 23.03
CA LYS A 225 1.32 -8.19 23.43
C LYS A 225 1.12 -9.69 23.70
N LEU A 226 -0.14 -10.10 23.85
CA LEU A 226 -0.43 -11.48 24.18
C LEU A 226 -0.70 -12.36 22.96
N LEU A 227 -1.49 -11.85 22.02
CA LEU A 227 -1.95 -12.67 20.90
C LEU A 227 -1.23 -12.40 19.57
N GLN A 228 -0.54 -11.27 19.51
CA GLN A 228 0.01 -10.75 18.28
C GLN A 228 1.53 -10.82 18.31
N ALA A 229 2.12 -11.06 19.48
CA ALA A 229 3.57 -11.02 19.61
C ALA A 229 4.15 -12.28 19.01
N GLY A 230 3.29 -13.12 18.48
CA GLY A 230 3.75 -14.34 17.85
C GLY A 230 3.91 -15.45 18.87
N TYR A 231 3.05 -15.45 19.89
CA TYR A 231 2.95 -16.60 20.76
C TYR A 231 1.48 -16.93 20.98
N GLY A 232 0.62 -15.97 20.66
CA GLY A 232 -0.82 -16.18 20.58
C GLY A 232 -1.35 -17.53 21.02
N TYR A 233 -1.29 -18.54 20.15
CA TYR A 233 -1.86 -19.84 20.49
C TYR A 233 -1.55 -20.31 21.91
N GLU A 234 -0.28 -20.43 22.26
CA GLU A 234 0.10 -20.85 23.59
C GLU A 234 -0.41 -19.90 24.68
N THR A 235 -0.21 -18.60 24.47
CA THR A 235 -0.73 -17.59 25.38
C THR A 235 -2.28 -17.65 25.52
N TYR A 236 -2.95 -18.35 24.63
CA TYR A 236 -4.41 -18.47 24.67
C TYR A 236 -4.80 -19.70 25.49
N LYS A 237 -4.15 -20.82 25.19
CA LYS A 237 -4.28 -22.01 26.00
C LYS A 237 -4.12 -21.65 27.47
N LEU A 238 -3.41 -20.55 27.76
CA LEU A 238 -3.16 -20.14 29.13
C LEU A 238 -4.23 -19.22 29.64
N LEU A 239 -4.40 -18.10 28.94
CA LEU A 239 -5.47 -17.18 29.23
C LEU A 239 -6.80 -17.90 29.48
N CYS A 240 -7.00 -19.04 28.83
CA CYS A 240 -8.21 -19.81 29.04
C CYS A 240 -8.10 -20.64 30.32
N GLU A 241 -7.00 -21.35 30.47
CA GLU A 241 -6.77 -22.14 31.67
C GLU A 241 -6.69 -21.30 32.98
N TYR A 242 -6.78 -19.97 32.90
CA TYR A 242 -6.73 -19.14 34.12
C TYR A 242 -7.86 -18.14 34.17
N HIS A 243 -8.89 -18.37 33.37
CA HIS A 243 -10.09 -17.54 33.39
C HIS A 243 -9.72 -16.06 33.22
N LEU A 244 -8.57 -15.84 32.59
CA LEU A 244 -8.08 -14.51 32.30
C LEU A 244 -8.58 -14.04 30.94
N PHE A 245 -8.94 -15.02 30.11
CA PHE A 245 -9.48 -14.74 28.80
C PHE A 245 -10.80 -14.00 28.88
N GLN A 246 -11.68 -14.45 29.77
CA GLN A 246 -13.04 -13.91 29.81
C GLN A 246 -13.16 -12.40 30.05
N PRO A 247 -12.50 -11.88 31.09
CA PRO A 247 -12.56 -10.44 31.38
C PRO A 247 -12.21 -9.59 30.16
N LEU A 248 -11.46 -10.19 29.23
CA LEU A 248 -10.96 -9.50 28.04
C LEU A 248 -11.94 -9.63 26.87
N PHE A 249 -12.46 -10.83 26.64
CA PHE A 249 -13.34 -11.05 25.51
C PHE A 249 -14.70 -11.57 25.95
N PRO A 250 -15.42 -10.79 26.78
CA PRO A 250 -16.73 -11.27 27.22
C PRO A 250 -17.45 -11.86 26.02
N THR A 251 -17.71 -11.03 25.02
CA THR A 251 -18.48 -11.47 23.85
C THR A 251 -18.14 -12.87 23.36
N ILE A 252 -16.86 -13.20 23.26
CA ILE A 252 -16.51 -14.51 22.73
C ILE A 252 -16.77 -15.61 23.77
N THR A 253 -16.27 -15.43 24.98
CA THR A 253 -16.34 -16.47 26.03
C THR A 253 -17.73 -17.06 26.03
N ARG A 254 -18.69 -16.17 25.90
CA ARG A 254 -20.09 -16.50 26.00
C ARG A 254 -20.45 -17.56 24.99
N TYR A 255 -19.74 -17.59 23.87
CA TYR A 255 -20.09 -18.53 22.82
C TYR A 255 -19.31 -19.84 22.85
N PHE A 256 -18.43 -20.01 23.85
CA PHE A 256 -17.72 -21.28 23.93
C PHE A 256 -18.70 -22.45 24.09
N THR A 257 -18.21 -23.67 23.90
CA THR A 257 -19.07 -24.85 23.95
C THR A 257 -18.35 -26.01 24.61
N GLU A 258 -19.08 -26.78 25.41
CA GLU A 258 -18.49 -27.91 26.11
C GLU A 258 -17.83 -28.93 25.19
N ASN A 259 -18.50 -29.27 24.09
CA ASN A 259 -17.88 -30.08 23.06
C ASN A 259 -16.41 -29.66 22.91
N GLY A 260 -16.21 -28.38 22.60
CA GLY A 260 -14.89 -27.85 22.36
C GLY A 260 -14.52 -27.70 20.89
N ASP A 261 -15.47 -27.96 20.00
CA ASP A 261 -15.17 -28.00 18.57
C ASP A 261 -16.17 -27.24 17.70
N SER A 262 -16.67 -26.12 18.21
CA SER A 262 -17.57 -25.28 17.42
C SER A 262 -16.72 -24.58 16.39
N PRO A 263 -17.36 -24.08 15.32
CA PRO A 263 -16.51 -23.52 14.27
C PRO A 263 -15.81 -22.25 14.76
N MET A 264 -16.41 -21.51 15.69
CA MET A 264 -15.70 -20.38 16.27
C MET A 264 -14.42 -20.79 17.00
N GLU A 265 -14.49 -21.83 17.81
CA GLU A 265 -13.34 -22.19 18.60
C GLU A 265 -12.24 -22.65 17.69
N ARG A 266 -12.60 -23.38 16.64
CA ARG A 266 -11.60 -23.87 15.69
C ARG A 266 -10.87 -22.68 15.09
N ILE A 267 -11.66 -21.70 14.64
CA ILE A 267 -11.14 -20.51 13.98
C ILE A 267 -10.20 -19.75 14.91
N ILE A 268 -10.60 -19.54 16.15
CA ILE A 268 -9.79 -18.76 17.05
C ILE A 268 -8.47 -19.46 17.31
N GLU A 269 -8.46 -20.78 17.22
CA GLU A 269 -7.19 -21.48 17.32
C GLU A 269 -6.34 -21.21 16.07
N GLN A 270 -6.86 -21.68 14.94
CA GLN A 270 -6.18 -21.55 13.67
C GLN A 270 -5.60 -20.14 13.42
N VAL A 271 -6.46 -19.13 13.42
CA VAL A 271 -5.98 -17.77 13.21
C VAL A 271 -4.82 -17.44 14.13
N LEU A 272 -4.88 -17.88 15.38
CA LEU A 272 -3.77 -17.59 16.27
C LEU A 272 -2.49 -18.30 15.83
N LYS A 273 -2.60 -19.60 15.51
CA LYS A 273 -1.47 -20.39 15.00
C LYS A 273 -0.85 -19.67 13.81
N ASN A 274 -1.69 -19.34 12.84
CA ASN A 274 -1.28 -18.68 11.61
C ASN A 274 -0.65 -17.31 11.84
N THR A 275 -1.33 -16.41 12.53
CA THR A 275 -0.69 -15.20 13.01
C THR A 275 0.70 -15.52 13.56
N ASP A 276 0.83 -16.59 14.32
CA ASP A 276 2.12 -16.88 14.94
C ASP A 276 3.17 -17.20 13.87
N THR A 277 2.79 -18.00 12.88
CA THR A 277 3.68 -18.38 11.78
C THR A 277 4.15 -17.14 11.03
N ARG A 278 3.21 -16.28 10.68
CA ARG A 278 3.51 -14.98 10.09
C ARG A 278 4.60 -14.22 10.83
N ILE A 279 4.57 -14.24 12.15
CA ILE A 279 5.53 -13.45 12.92
C ILE A 279 6.89 -14.15 12.97
N HIS A 280 6.92 -15.48 12.85
CA HIS A 280 8.20 -16.18 12.87
C HIS A 280 8.87 -16.22 11.50
N ASN A 281 8.22 -15.61 10.52
CA ASN A 281 8.77 -15.45 9.18
C ASN A 281 8.74 -13.98 8.81
N ASP A 282 8.81 -13.13 9.84
CA ASP A 282 8.99 -11.71 9.65
C ASP A 282 7.99 -11.02 8.74
N MET A 283 6.72 -11.39 8.83
CA MET A 283 5.73 -10.71 7.99
C MET A 283 5.03 -9.60 8.77
N ARG A 284 4.57 -8.58 8.05
CA ARG A 284 3.74 -7.58 8.69
C ARG A 284 2.49 -8.33 9.06
N VAL A 285 2.00 -8.06 10.26
CA VAL A 285 0.74 -8.64 10.67
C VAL A 285 -0.29 -7.54 10.86
N ASN A 286 -1.53 -7.88 10.52
CA ASN A 286 -2.66 -6.99 10.64
C ASN A 286 -3.36 -7.24 11.98
N PRO A 287 -3.54 -6.18 12.79
CA PRO A 287 -4.30 -6.24 14.05
C PRO A 287 -5.77 -6.45 13.78
N ALA A 288 -6.30 -5.69 12.83
CA ALA A 288 -7.73 -5.69 12.56
C ALA A 288 -8.20 -7.01 11.99
N PHE A 289 -7.29 -7.77 11.39
CA PHE A 289 -7.64 -9.08 10.91
C PHE A 289 -7.98 -9.94 12.11
N LEU A 290 -7.01 -10.09 13.00
CA LEU A 290 -7.18 -10.91 14.18
C LEU A 290 -8.58 -10.80 14.75
N PHE A 291 -9.00 -9.58 15.04
CA PHE A 291 -10.31 -9.36 15.63
C PHE A 291 -11.42 -9.81 14.68
N ALA A 292 -11.45 -9.24 13.50
CA ALA A 292 -12.41 -9.67 12.48
C ALA A 292 -12.48 -11.19 12.32
N ALA A 293 -11.44 -11.93 12.69
CA ALA A 293 -11.53 -13.38 12.65
C ALA A 293 -12.21 -13.94 13.91
N MET A 294 -11.81 -13.45 15.08
CA MET A 294 -12.40 -13.98 16.30
C MET A 294 -13.88 -13.72 16.35
N PHE A 295 -14.27 -12.47 16.26
CA PHE A 295 -15.66 -12.11 16.44
C PHE A 295 -16.54 -12.55 15.29
N TRP A 296 -15.96 -13.20 14.29
CA TRP A 296 -16.75 -13.45 13.08
C TRP A 296 -18.01 -14.17 13.45
N TYR A 297 -17.86 -15.34 14.05
CA TYR A 297 -19.01 -16.13 14.38
C TYR A 297 -19.96 -15.46 15.35
N PRO A 298 -19.44 -14.78 16.38
CA PRO A 298 -20.37 -13.98 17.17
C PRO A 298 -21.09 -12.96 16.30
N LEU A 299 -20.46 -12.49 15.23
CA LEU A 299 -21.10 -11.53 14.35
C LEU A 299 -22.13 -12.21 13.48
N LEU A 300 -21.78 -13.39 13.00
CA LEU A 300 -22.68 -14.19 12.21
C LEU A 300 -23.95 -14.51 13.01
N GLU A 301 -23.76 -14.81 14.30
CA GLU A 301 -24.82 -15.27 15.19
C GLU A 301 -25.78 -14.14 15.55
N THR A 302 -25.22 -13.08 16.13
CA THR A 302 -25.97 -11.88 16.43
C THR A 302 -26.69 -11.37 15.19
N ALA A 303 -26.21 -11.74 14.02
CA ALA A 303 -26.84 -11.30 12.79
C ALA A 303 -28.14 -12.06 12.56
N GLN A 304 -28.03 -13.37 12.45
CA GLN A 304 -29.18 -14.22 12.21
C GLN A 304 -30.29 -14.01 13.24
N LYS A 305 -29.92 -13.86 14.51
CA LYS A 305 -30.88 -13.55 15.57
C LYS A 305 -31.64 -12.25 15.29
N ILE A 306 -30.95 -11.26 14.75
CA ILE A 306 -31.58 -10.00 14.38
C ILE A 306 -32.48 -10.19 13.16
N ALA A 307 -32.13 -11.17 12.33
CA ALA A 307 -32.88 -11.48 11.11
C ALA A 307 -34.29 -12.04 11.38
N GLN A 308 -34.42 -13.03 12.27
CA GLN A 308 -35.76 -13.56 12.57
C GLN A 308 -36.48 -12.73 13.63
N GLU A 309 -35.76 -12.35 14.66
CA GLU A 309 -36.33 -11.71 15.83
C GLU A 309 -37.00 -10.40 15.42
N SER A 310 -36.72 -9.97 14.20
CA SER A 310 -37.14 -8.65 13.71
C SER A 310 -37.00 -8.55 12.21
N GLY A 311 -37.98 -9.10 11.48
CA GLY A 311 -37.88 -9.33 10.03
C GLY A 311 -37.29 -8.29 9.08
N LEU A 312 -35.98 -8.10 9.13
CA LEU A 312 -35.31 -7.20 8.21
C LEU A 312 -34.65 -8.00 7.11
N THR A 313 -34.27 -7.31 6.04
CA THR A 313 -33.45 -7.92 5.02
C THR A 313 -32.17 -8.35 5.74
N TYR A 314 -31.48 -9.35 5.21
CA TYR A 314 -30.24 -9.82 5.84
C TYR A 314 -29.14 -8.78 5.79
N HIS A 315 -29.08 -8.04 4.68
CA HIS A 315 -28.07 -7.01 4.49
C HIS A 315 -28.18 -5.89 5.53
N ASP A 316 -29.40 -5.46 5.83
CA ASP A 316 -29.59 -4.45 6.85
C ASP A 316 -29.35 -5.03 8.24
N ALA A 317 -29.80 -6.27 8.44
CA ALA A 317 -29.64 -7.00 9.70
C ALA A 317 -28.17 -7.03 10.12
N PHE A 318 -27.36 -7.66 9.27
CA PHE A 318 -25.91 -7.68 9.37
C PHE A 318 -25.29 -6.36 9.87
N ALA A 319 -25.49 -5.26 9.14
CA ALA A 319 -24.86 -4.00 9.51
C ALA A 319 -25.18 -3.57 10.92
N LEU A 320 -26.37 -3.94 11.40
CA LEU A 320 -26.71 -3.69 12.79
C LEU A 320 -25.85 -4.55 13.67
N ALA A 321 -25.88 -5.85 13.39
CA ALA A 321 -25.09 -6.81 14.16
C ALA A 321 -23.62 -6.37 14.26
N MET A 322 -23.07 -5.79 13.18
CA MET A 322 -21.71 -5.27 13.25
C MET A 322 -21.64 -4.21 14.33
N ASN A 323 -22.46 -3.17 14.21
CA ASN A 323 -22.54 -2.19 15.27
C ASN A 323 -22.57 -2.82 16.65
N ASP A 324 -23.45 -3.81 16.84
CA ASP A 324 -23.66 -4.45 18.14
C ASP A 324 -22.42 -5.16 18.68
N VAL A 325 -21.91 -6.11 17.92
CA VAL A 325 -20.75 -6.88 18.33
C VAL A 325 -19.60 -5.98 18.77
N LEU A 326 -19.40 -4.91 18.02
CA LEU A 326 -18.33 -3.94 18.26
C LEU A 326 -18.42 -3.09 19.55
N ASP A 327 -19.60 -2.74 20.02
CA ASP A 327 -19.68 -1.86 21.18
C ASP A 327 -19.48 -2.68 22.43
N GLU A 328 -19.93 -3.93 22.38
CA GLU A 328 -19.80 -4.78 23.54
C GLU A 328 -18.33 -5.13 23.76
N ALA A 329 -17.62 -5.40 22.68
CA ALA A 329 -16.20 -5.65 22.80
C ALA A 329 -15.47 -4.38 23.20
N CYS A 330 -15.89 -3.23 22.64
CA CYS A 330 -15.26 -1.97 23.00
C CYS A 330 -15.45 -1.70 24.49
N ARG A 331 -16.38 -2.42 25.09
CA ARG A 331 -16.72 -2.23 26.49
C ARG A 331 -15.63 -2.83 27.39
N SER A 332 -14.80 -3.70 26.80
CA SER A 332 -13.66 -4.26 27.52
C SER A 332 -12.35 -3.75 26.94
N LEU A 333 -12.13 -3.99 25.64
CA LEU A 333 -10.94 -3.49 24.95
C LEU A 333 -11.19 -2.13 24.29
N ALA A 334 -10.30 -1.18 24.55
CA ALA A 334 -10.34 0.10 23.84
C ALA A 334 -9.79 0.01 22.41
N ILE A 335 -10.48 -0.74 21.57
CA ILE A 335 -10.10 -0.89 20.18
C ILE A 335 -10.24 0.44 19.44
N PRO A 336 -9.18 0.84 18.73
CA PRO A 336 -9.07 2.13 18.02
C PRO A 336 -10.03 2.27 16.86
N LYS A 337 -10.59 3.47 16.71
CA LYS A 337 -11.56 3.76 15.67
C LYS A 337 -10.92 3.40 14.32
N ARG A 338 -9.60 3.58 14.26
CA ARG A 338 -8.81 3.13 13.12
C ARG A 338 -9.14 1.67 12.76
N LEU A 339 -8.91 0.77 13.70
CA LEU A 339 -9.05 -0.66 13.44
C LEU A 339 -10.47 -1.18 13.33
N THR A 340 -11.45 -0.44 13.85
CA THR A 340 -12.83 -0.90 13.74
C THR A 340 -13.38 -0.69 12.32
N THR A 341 -12.89 0.36 11.65
CA THR A 341 -13.26 0.64 10.27
C THR A 341 -12.80 -0.49 9.36
N LEU A 342 -11.50 -0.78 9.44
CA LEU A 342 -10.90 -1.89 8.70
C LEU A 342 -11.66 -3.21 8.91
N THR A 343 -11.97 -3.53 10.17
CA THR A 343 -12.66 -4.78 10.49
C THR A 343 -13.98 -4.86 9.74
N ARG A 344 -14.85 -3.88 9.97
CA ARG A 344 -16.13 -3.80 9.26
C ARG A 344 -15.92 -4.06 7.78
N ASP A 345 -14.92 -3.40 7.20
CA ASP A 345 -14.65 -3.56 5.78
C ASP A 345 -14.33 -5.02 5.44
N ILE A 346 -13.52 -5.68 6.26
CA ILE A 346 -13.17 -7.08 6.02
C ILE A 346 -14.39 -7.96 6.01
N TRP A 347 -15.34 -7.63 6.88
CA TRP A 347 -16.55 -8.44 7.04
C TRP A 347 -17.48 -8.23 5.87
N GLN A 348 -17.76 -6.96 5.57
CA GLN A 348 -18.56 -6.56 4.42
C GLN A 348 -18.14 -7.30 3.17
N LEU A 349 -16.83 -7.32 2.92
CA LEU A 349 -16.30 -8.00 1.75
C LEU A 349 -16.73 -9.46 1.74
N GLN A 350 -17.03 -10.00 2.93
CA GLN A 350 -17.45 -11.39 3.05
C GLN A 350 -18.82 -11.66 2.40
N LEU A 351 -19.66 -10.63 2.33
CA LEU A 351 -20.89 -10.77 1.59
C LEU A 351 -20.59 -10.60 0.10
N ARG A 352 -19.93 -9.50 -0.24
CA ARG A 352 -19.63 -9.18 -1.64
C ARG A 352 -18.97 -10.35 -2.38
N MET A 353 -18.01 -11.00 -1.73
CA MET A 353 -17.29 -12.10 -2.34
C MET A 353 -18.14 -13.35 -2.49
N SER A 354 -19.27 -13.39 -1.79
CA SER A 354 -20.13 -14.57 -1.83
C SER A 354 -21.00 -14.55 -3.08
N ARG A 355 -21.63 -13.41 -3.34
CA ARG A 355 -22.36 -13.21 -4.57
C ARG A 355 -21.44 -13.44 -5.75
N ARG A 356 -21.86 -14.26 -6.70
CA ARG A 356 -20.97 -14.59 -7.79
C ARG A 356 -21.03 -13.40 -8.72
N GLN A 357 -20.41 -12.34 -8.22
CA GLN A 357 -20.40 -11.03 -8.83
C GLN A 357 -19.71 -11.08 -10.18
N GLY A 358 -20.16 -10.21 -11.08
CA GLY A 358 -19.58 -10.12 -12.40
C GLY A 358 -18.49 -9.07 -12.43
N LYS A 359 -18.67 -8.09 -13.30
CA LYS A 359 -17.66 -7.06 -13.57
C LYS A 359 -17.36 -6.12 -12.40
N ARG A 360 -18.21 -6.15 -11.38
CA ARG A 360 -17.97 -5.35 -10.19
C ARG A 360 -16.73 -5.88 -9.47
N ALA A 361 -16.37 -7.12 -9.78
CA ALA A 361 -15.23 -7.82 -9.17
C ALA A 361 -13.92 -7.07 -9.25
N TRP A 362 -13.64 -6.48 -10.41
CA TRP A 362 -12.39 -5.74 -10.59
C TRP A 362 -12.22 -4.73 -9.47
N LYS A 363 -13.28 -3.97 -9.19
CA LYS A 363 -13.27 -3.02 -8.08
C LYS A 363 -12.86 -3.69 -6.77
N LEU A 364 -13.46 -4.86 -6.51
CA LEU A 364 -13.17 -5.63 -5.29
C LEU A 364 -11.72 -6.02 -5.20
N LEU A 365 -11.23 -6.68 -6.24
CA LEU A 365 -9.85 -7.15 -6.27
C LEU A 365 -8.95 -6.03 -5.78
N GLU A 366 -9.45 -4.81 -5.97
CA GLU A 366 -8.67 -3.61 -5.74
C GLU A 366 -8.71 -3.12 -4.30
N HIS A 367 -9.77 -3.45 -3.57
CA HIS A 367 -9.92 -2.99 -2.19
C HIS A 367 -8.63 -3.23 -1.44
N PRO A 368 -8.26 -2.28 -0.58
CA PRO A 368 -7.05 -2.38 0.23
C PRO A 368 -7.10 -3.64 1.08
N LYS A 369 -8.28 -3.91 1.63
CA LYS A 369 -8.44 -5.02 2.54
C LYS A 369 -8.61 -6.39 1.86
N PHE A 370 -8.76 -6.42 0.56
CA PHE A 370 -9.13 -7.67 -0.06
C PHE A 370 -8.22 -8.81 0.38
N ARG A 371 -6.94 -8.56 0.57
CA ARG A 371 -6.08 -9.65 1.01
C ARG A 371 -6.58 -10.24 2.33
N ALA A 372 -6.90 -9.37 3.29
CA ALA A 372 -7.45 -9.85 4.56
C ALA A 372 -8.84 -10.51 4.46
N ALA A 373 -9.77 -9.89 3.76
CA ALA A 373 -11.03 -10.51 3.41
C ALA A 373 -10.80 -11.89 2.83
N TYR A 374 -9.87 -11.98 1.90
CA TYR A 374 -9.60 -13.27 1.29
C TYR A 374 -9.10 -14.27 2.33
N ASP A 375 -8.10 -13.86 3.10
CA ASP A 375 -7.52 -14.70 4.16
C ASP A 375 -8.57 -15.22 5.19
N LEU A 376 -9.65 -14.45 5.37
CA LEU A 376 -10.75 -14.84 6.26
C LEU A 376 -11.75 -15.77 5.58
N LEU A 377 -12.13 -15.46 4.36
CA LEU A 377 -12.89 -16.43 3.59
C LEU A 377 -12.07 -17.70 3.53
N ALA A 378 -10.76 -17.55 3.62
CA ALA A 378 -9.86 -18.68 3.58
C ALA A 378 -10.16 -19.64 4.73
N LEU A 379 -9.94 -19.15 5.95
CA LEU A 379 -10.25 -19.86 7.18
C LEU A 379 -11.69 -20.34 7.18
N ARG A 380 -12.62 -19.42 6.99
CA ARG A 380 -14.04 -19.78 7.00
C ARG A 380 -14.31 -21.08 6.24
N ALA A 381 -13.62 -21.30 5.12
CA ALA A 381 -13.80 -22.55 4.39
C ALA A 381 -13.11 -23.70 5.12
N GLU A 382 -11.93 -23.42 5.69
CA GLU A 382 -11.12 -24.48 6.33
C GLU A 382 -11.73 -25.04 7.63
N VAL A 383 -12.36 -24.18 8.45
CA VAL A 383 -12.91 -24.64 9.72
C VAL A 383 -14.30 -25.25 9.58
N GLU A 384 -15.18 -24.62 8.81
CA GLU A 384 -16.49 -25.19 8.52
C GLU A 384 -16.40 -26.39 7.55
N ARG A 385 -15.23 -26.62 6.98
CA ARG A 385 -15.08 -27.83 6.18
C ARG A 385 -16.28 -27.91 5.25
N ASN A 386 -16.71 -26.75 4.80
CA ASN A 386 -17.80 -26.56 3.85
C ASN A 386 -17.22 -26.65 2.43
N ALA A 387 -17.98 -27.20 1.49
CA ALA A 387 -17.48 -27.27 0.11
C ALA A 387 -17.88 -26.02 -0.70
N GLU A 388 -19.14 -25.61 -0.59
CA GLU A 388 -19.60 -24.37 -1.19
C GLU A 388 -18.57 -23.27 -1.05
N LEU A 389 -18.24 -22.90 0.19
CA LEU A 389 -17.24 -21.86 0.47
C LEU A 389 -15.88 -22.22 -0.09
N GLN A 390 -15.47 -23.47 0.11
CA GLN A 390 -14.17 -23.91 -0.31
C GLN A 390 -13.99 -23.62 -1.80
N ARG A 391 -15.11 -23.42 -2.49
CA ARG A 391 -15.11 -23.12 -3.92
C ARG A 391 -14.81 -21.65 -4.21
N LEU A 392 -15.54 -20.75 -3.56
CA LEU A 392 -15.24 -19.33 -3.73
C LEU A 392 -13.79 -19.05 -3.38
N VAL A 393 -13.15 -19.96 -2.63
CA VAL A 393 -11.75 -19.80 -2.24
C VAL A 393 -10.82 -20.18 -3.39
N LYS A 394 -11.15 -21.27 -4.07
CA LYS A 394 -10.37 -21.72 -5.21
C LYS A 394 -10.60 -20.72 -6.33
N TRP A 395 -11.84 -20.29 -6.52
CA TRP A 395 -12.15 -19.31 -7.55
C TRP A 395 -11.37 -18.03 -7.33
N TRP A 396 -11.67 -17.31 -6.26
CA TRP A 396 -10.99 -16.06 -5.99
C TRP A 396 -9.49 -16.22 -5.95
N GLY A 397 -9.02 -17.43 -5.63
CA GLY A 397 -7.60 -17.68 -5.59
C GLY A 397 -6.97 -17.50 -6.95
N GLU A 398 -7.72 -17.88 -7.99
CA GLU A 398 -7.27 -17.78 -9.38
C GLU A 398 -7.49 -16.38 -9.91
N PHE A 399 -8.68 -15.85 -9.74
CA PHE A 399 -9.00 -14.62 -10.39
C PHE A 399 -8.00 -13.56 -9.97
N GLN A 400 -7.32 -13.79 -8.86
CA GLN A 400 -6.52 -12.75 -8.22
C GLN A 400 -5.08 -12.79 -8.67
N VAL A 401 -4.70 -13.90 -9.29
CA VAL A 401 -3.32 -14.09 -9.74
C VAL A 401 -3.26 -14.23 -11.27
N SER A 402 -4.43 -14.32 -11.90
CA SER A 402 -4.52 -14.49 -13.34
C SER A 402 -4.10 -13.21 -14.08
N ALA A 403 -4.02 -13.27 -15.40
CA ALA A 403 -3.77 -12.08 -16.19
C ALA A 403 -5.10 -11.58 -16.75
N PRO A 404 -5.17 -10.28 -17.10
CA PRO A 404 -6.40 -9.67 -17.64
C PRO A 404 -7.08 -10.47 -18.78
N PRO A 405 -6.29 -11.10 -19.67
CA PRO A 405 -6.92 -12.00 -20.64
C PRO A 405 -7.67 -13.11 -19.93
N ASP A 406 -6.94 -13.94 -19.19
CA ASP A 406 -7.57 -15.00 -18.42
C ASP A 406 -8.69 -14.44 -17.54
N GLN A 407 -8.34 -13.44 -16.73
CA GLN A 407 -9.29 -12.82 -15.81
C GLN A 407 -10.56 -12.39 -16.54
N LYS A 408 -10.38 -11.72 -17.68
CA LYS A 408 -11.51 -11.34 -18.52
C LYS A 408 -12.45 -12.53 -18.61
N GLY A 409 -11.91 -13.64 -19.16
CA GLY A 409 -12.66 -14.86 -19.35
C GLY A 409 -13.50 -15.29 -18.16
N MET A 410 -12.87 -15.40 -16.99
CA MET A 410 -13.53 -15.97 -15.83
C MET A 410 -14.87 -15.33 -15.50
N LEU A 411 -15.13 -14.16 -16.07
CA LEU A 411 -16.30 -13.41 -15.64
C LEU A 411 -17.57 -13.58 -16.48
N GLN B 1 -19.87 26.48 -46.26
CA GLN B 1 -19.33 27.01 -45.00
C GLN B 1 -20.45 27.37 -44.03
N VAL B 2 -20.47 26.73 -42.86
CA VAL B 2 -21.55 26.94 -41.90
C VAL B 2 -21.02 27.32 -40.51
N THR B 3 -21.06 28.60 -40.20
CA THR B 3 -20.39 29.13 -39.02
C THR B 3 -21.20 28.97 -37.71
N VAL B 4 -22.50 28.70 -37.79
CA VAL B 4 -23.27 28.56 -36.56
C VAL B 4 -24.32 27.45 -36.62
N ILE B 5 -24.21 26.49 -35.72
CA ILE B 5 -25.16 25.38 -35.68
C ILE B 5 -26.19 25.56 -34.57
N PRO B 6 -27.49 25.51 -34.94
CA PRO B 6 -28.59 25.68 -33.98
C PRO B 6 -28.91 24.39 -33.24
N ARG B 7 -29.35 24.48 -32.00
CA ARG B 7 -29.41 23.31 -31.15
C ARG B 7 -30.25 22.20 -31.76
N GLU B 8 -31.13 22.57 -32.67
CA GLU B 8 -32.10 21.64 -33.26
C GLU B 8 -31.51 20.94 -34.47
N GLN B 9 -30.30 21.34 -34.84
CA GLN B 9 -29.63 20.69 -35.94
C GLN B 9 -28.41 19.98 -35.40
N HIS B 10 -27.97 20.36 -34.21
CA HIS B 10 -26.77 19.75 -33.66
C HIS B 10 -27.05 18.69 -32.63
N ALA B 11 -26.36 17.57 -32.73
CA ALA B 11 -26.72 16.43 -31.92
C ALA B 11 -26.86 16.84 -30.46
N ILE B 12 -27.97 16.41 -29.89
CA ILE B 12 -28.36 16.79 -28.55
C ILE B 12 -27.49 17.90 -28.02
N SER B 13 -26.38 17.53 -27.41
CA SER B 13 -25.58 18.55 -26.77
C SER B 13 -26.60 19.18 -25.86
N ARG B 14 -27.42 18.32 -25.26
CA ARG B 14 -28.50 18.78 -24.38
C ARG B 14 -27.94 19.49 -23.17
N LYS B 15 -28.49 20.63 -22.81
CA LYS B 15 -27.83 21.47 -21.83
C LYS B 15 -27.67 20.67 -20.55
N ASP B 16 -28.44 19.61 -20.44
CA ASP B 16 -28.50 18.84 -19.21
C ASP B 16 -27.37 17.82 -19.03
N ILE B 17 -26.47 17.71 -20.01
CA ILE B 17 -25.36 16.78 -19.87
C ILE B 17 -24.08 17.53 -19.50
N SER B 18 -24.22 18.77 -19.07
CA SER B 18 -23.06 19.60 -18.83
C SER B 18 -22.64 19.76 -17.38
N GLU B 19 -23.10 18.89 -16.49
CA GLU B 19 -22.68 18.96 -15.08
C GLU B 19 -22.91 20.37 -14.57
N ASN B 20 -21.94 20.94 -13.84
CA ASN B 20 -22.11 22.33 -13.51
C ASN B 20 -20.88 23.19 -13.49
N ALA B 21 -20.28 23.26 -14.67
CA ALA B 21 -19.55 24.45 -15.05
C ALA B 21 -20.62 25.44 -15.49
N LEU B 22 -21.85 24.95 -15.71
CA LEU B 22 -23.00 25.81 -16.00
C LEU B 22 -23.03 26.99 -15.05
N LYS B 23 -22.65 26.73 -13.80
CA LYS B 23 -22.66 27.77 -12.79
C LYS B 23 -21.54 28.75 -13.12
N VAL B 24 -20.45 28.22 -13.67
CA VAL B 24 -19.28 29.03 -14.02
C VAL B 24 -19.51 29.96 -15.21
N MET B 25 -20.36 29.53 -16.13
CA MET B 25 -20.73 30.33 -17.28
C MET B 25 -21.82 31.35 -16.98
N TYR B 26 -22.94 30.90 -16.43
CA TYR B 26 -24.06 31.75 -16.08
C TYR B 26 -23.53 32.95 -15.32
N ARG B 27 -22.46 32.74 -14.57
CA ARG B 27 -21.88 33.82 -13.79
C ARG B 27 -21.26 34.85 -14.71
N LEU B 28 -20.47 34.38 -15.67
CA LEU B 28 -19.87 35.24 -16.69
C LEU B 28 -20.93 35.87 -17.57
N ASN B 29 -21.81 35.03 -18.10
CA ASN B 29 -22.94 35.51 -18.90
C ASN B 29 -23.73 36.64 -18.19
N LYS B 30 -23.92 36.52 -16.87
CA LYS B 30 -24.60 37.56 -16.09
C LYS B 30 -23.81 38.87 -16.07
N ALA B 31 -22.49 38.79 -16.25
CA ALA B 31 -21.64 39.97 -16.08
C ALA B 31 -21.21 40.66 -17.39
N GLY B 32 -21.89 40.37 -18.49
CA GLY B 32 -21.60 41.04 -19.75
C GLY B 32 -20.45 40.42 -20.51
N TYR B 33 -20.28 39.11 -20.33
CA TYR B 33 -19.21 38.37 -20.95
C TYR B 33 -19.77 37.20 -21.74
N GLU B 34 -18.91 36.51 -22.46
CA GLU B 34 -19.34 35.39 -23.27
C GLU B 34 -18.75 34.11 -22.72
N ALA B 35 -19.56 33.06 -22.70
CA ALA B 35 -19.12 31.81 -22.13
C ALA B 35 -19.25 30.68 -23.13
N TRP B 36 -18.13 30.14 -23.56
CA TRP B 36 -18.16 29.06 -24.52
C TRP B 36 -17.50 27.80 -23.99
N LEU B 37 -17.99 26.67 -24.47
CA LEU B 37 -17.49 25.37 -24.05
C LEU B 37 -16.64 24.76 -25.16
N VAL B 38 -15.34 24.64 -24.91
CA VAL B 38 -14.41 24.26 -25.97
C VAL B 38 -13.75 22.91 -25.91
N GLY B 39 -13.51 22.37 -27.09
CA GLY B 39 -12.59 21.27 -27.21
C GLY B 39 -13.14 19.92 -26.82
N GLY B 40 -12.34 19.23 -26.02
CA GLY B 40 -12.61 17.83 -25.69
C GLY B 40 -14.06 17.54 -25.42
N GLY B 41 -14.58 18.16 -24.36
CA GLY B 41 -15.94 17.90 -23.91
C GLY B 41 -16.96 18.04 -25.01
N VAL B 42 -16.89 19.16 -25.71
CA VAL B 42 -17.90 19.51 -26.70
C VAL B 42 -17.85 18.61 -27.93
N ARG B 43 -16.66 18.14 -28.25
CA ARG B 43 -16.51 17.06 -29.22
C ARG B 43 -17.40 15.90 -28.76
N ASP B 44 -17.00 15.29 -27.65
CA ASP B 44 -17.66 14.11 -27.11
C ASP B 44 -19.17 14.26 -27.04
N LEU B 45 -19.65 15.35 -26.45
CA LEU B 45 -21.09 15.60 -26.40
C LEU B 45 -21.76 15.39 -27.76
N LEU B 46 -21.31 16.13 -28.78
CA LEU B 46 -21.82 15.92 -30.13
C LEU B 46 -21.71 14.45 -30.55
N LEU B 47 -20.60 13.85 -30.14
CA LEU B 47 -20.31 12.45 -30.47
C LEU B 47 -21.33 11.49 -29.86
N GLY B 48 -21.88 11.89 -28.70
CA GLY B 48 -22.83 11.08 -27.96
C GLY B 48 -22.30 10.68 -26.60
N LYS B 49 -20.97 10.54 -26.54
CA LYS B 49 -20.19 10.08 -25.39
C LYS B 49 -20.10 11.08 -24.23
N LYS B 50 -19.59 10.59 -23.09
CA LYS B 50 -19.57 11.37 -21.86
C LYS B 50 -18.28 12.16 -21.67
N PRO B 51 -18.39 13.49 -21.72
CA PRO B 51 -17.27 14.40 -21.51
C PRO B 51 -16.46 14.05 -20.28
N LYS B 52 -15.13 14.17 -20.38
CA LYS B 52 -14.25 13.90 -19.25
C LYS B 52 -13.73 15.21 -18.68
N ASP B 53 -13.76 16.24 -19.50
CA ASP B 53 -13.41 17.57 -19.06
C ASP B 53 -14.48 18.53 -19.51
N PHE B 54 -14.44 19.72 -18.93
CA PHE B 54 -15.25 20.83 -19.41
C PHE B 54 -14.35 22.04 -19.29
N ASP B 55 -13.99 22.60 -20.43
CA ASP B 55 -13.11 23.75 -20.43
C ASP B 55 -13.96 24.87 -20.99
N VAL B 56 -13.81 26.09 -20.48
CA VAL B 56 -14.52 27.20 -21.09
C VAL B 56 -13.61 28.36 -21.47
N THR B 57 -14.13 29.21 -22.34
CA THR B 57 -13.38 30.34 -22.86
C THR B 57 -14.27 31.56 -22.85
N THR B 58 -13.64 32.73 -22.77
CA THR B 58 -14.39 33.97 -22.65
C THR B 58 -13.60 35.21 -23.06
N ASN B 59 -14.32 36.21 -23.54
CA ASN B 59 -13.71 37.49 -23.89
C ASN B 59 -13.37 38.30 -22.65
N ALA B 60 -13.54 37.67 -21.50
CA ALA B 60 -13.20 38.33 -20.26
C ALA B 60 -11.68 38.24 -20.08
N THR B 61 -11.05 39.37 -19.76
CA THR B 61 -9.62 39.36 -19.47
C THR B 61 -9.35 38.50 -18.22
N PRO B 62 -8.10 38.04 -18.03
CA PRO B 62 -7.80 37.13 -16.92
C PRO B 62 -7.83 37.82 -15.58
N GLU B 63 -7.69 39.13 -15.58
CA GLU B 63 -7.83 39.89 -14.34
C GLU B 63 -9.29 40.28 -14.14
N GLN B 64 -10.07 40.26 -15.21
CA GLN B 64 -11.52 40.44 -15.09
C GLN B 64 -12.17 39.16 -14.64
N VAL B 65 -11.59 38.02 -15.02
CA VAL B 65 -12.07 36.73 -14.56
C VAL B 65 -11.68 36.57 -13.11
N ARG B 66 -10.61 37.25 -12.73
CA ARG B 66 -10.15 37.29 -11.34
C ARG B 66 -11.19 37.94 -10.41
N LYS B 67 -11.51 39.22 -10.65
CA LYS B 67 -12.48 39.91 -9.82
C LYS B 67 -13.79 39.13 -9.69
N LEU B 68 -14.32 38.67 -10.81
CA LEU B 68 -15.64 38.06 -10.80
C LEU B 68 -15.67 36.83 -9.90
N PHE B 69 -14.49 36.28 -9.60
CA PHE B 69 -14.43 35.04 -8.83
C PHE B 69 -13.54 35.12 -7.58
N ARG B 70 -13.21 36.33 -7.15
CA ARG B 70 -12.30 36.50 -6.01
C ARG B 70 -12.87 35.81 -4.77
N ASN B 71 -14.19 35.62 -4.77
CA ASN B 71 -14.87 34.93 -3.68
C ASN B 71 -14.75 33.40 -3.77
N CYS B 72 -14.64 32.88 -5.00
CA CYS B 72 -14.52 31.44 -5.22
C CYS B 72 -13.12 30.89 -4.95
N ARG B 73 -12.98 29.57 -5.05
CA ARG B 73 -11.69 28.91 -4.81
C ARG B 73 -10.94 28.68 -6.11
N LEU B 74 -10.00 29.57 -6.39
CA LEU B 74 -9.30 29.58 -7.66
C LEU B 74 -7.89 29.01 -7.54
N VAL B 75 -7.71 27.81 -8.08
CA VAL B 75 -6.46 27.05 -7.93
C VAL B 75 -5.28 27.48 -8.83
N GLY B 76 -4.52 28.47 -8.34
CA GLY B 76 -3.19 28.77 -8.87
C GLY B 76 -3.04 29.26 -10.30
N ARG B 77 -2.14 30.22 -10.49
CA ARG B 77 -1.24 30.52 -11.62
C ARG B 77 -1.64 30.57 -13.12
N ARG B 78 -0.67 30.13 -13.93
CA ARG B 78 -0.85 29.88 -15.35
C ARG B 78 -1.23 31.09 -16.19
N PHE B 79 -0.34 31.57 -17.06
CA PHE B 79 -0.76 32.79 -17.76
C PHE B 79 -2.02 32.56 -18.58
N ARG B 80 -2.92 33.54 -18.51
CA ARG B 80 -4.27 33.44 -19.03
C ARG B 80 -4.81 32.29 -18.21
N LEU B 81 -5.85 31.62 -18.67
CA LEU B 81 -6.23 30.37 -18.06
C LEU B 81 -6.38 30.40 -16.53
N ALA B 82 -7.61 30.38 -16.04
CA ALA B 82 -7.87 30.30 -14.60
C ALA B 82 -8.51 28.96 -14.21
N HIS B 83 -8.22 28.50 -12.98
CA HIS B 83 -8.70 27.21 -12.50
C HIS B 83 -9.72 27.36 -11.35
N VAL B 84 -10.95 26.93 -11.62
CA VAL B 84 -12.00 26.98 -10.60
C VAL B 84 -12.16 25.63 -9.95
N MET B 85 -12.45 25.63 -8.65
CA MET B 85 -12.61 24.38 -7.95
C MET B 85 -13.94 24.19 -7.22
N PHE B 86 -14.60 23.08 -7.51
CA PHE B 86 -15.74 22.56 -6.77
C PHE B 86 -15.15 21.55 -5.81
N GLY B 87 -14.27 20.74 -6.38
CA GLY B 87 -13.73 19.49 -5.82
C GLY B 87 -13.39 18.57 -7.00
N PRO B 88 -13.51 17.24 -6.84
CA PRO B 88 -13.54 16.28 -7.95
C PRO B 88 -14.25 16.68 -9.25
N GLU B 89 -14.39 17.99 -9.43
CA GLU B 89 -14.63 18.61 -10.72
C GLU B 89 -13.94 19.97 -10.65
N ILE B 90 -12.84 20.15 -11.38
CA ILE B 90 -12.30 21.50 -11.53
C ILE B 90 -12.59 21.96 -12.95
N ILE B 91 -12.77 23.26 -13.11
CA ILE B 91 -13.19 23.82 -14.37
C ILE B 91 -12.18 24.85 -14.85
N GLU B 92 -11.71 24.67 -16.08
CA GLU B 92 -10.72 25.55 -16.70
C GLU B 92 -11.41 26.74 -17.37
N VAL B 93 -10.98 27.95 -17.04
CA VAL B 93 -11.53 29.15 -17.66
C VAL B 93 -10.47 30.03 -18.34
N ALA B 94 -10.40 29.90 -19.66
CA ALA B 94 -9.37 30.55 -20.46
C ALA B 94 -9.91 31.73 -21.25
N THR B 95 -9.11 32.78 -21.33
CA THR B 95 -9.44 33.92 -22.17
C THR B 95 -9.03 33.63 -23.62
N PHE B 96 -9.87 34.08 -24.56
CA PHE B 96 -9.56 34.00 -25.99
C PHE B 96 -8.17 34.57 -26.30
N ARG B 97 -7.44 33.98 -27.25
CA ARG B 97 -6.17 34.55 -27.72
C ARG B 97 -6.27 35.09 -29.17
N GLY B 98 -5.19 35.71 -29.67
CA GLY B 98 -5.15 36.25 -31.03
C GLY B 98 -4.10 35.65 -31.96
N ASN B 122 -3.05 42.72 -28.81
CA ASN B 122 -2.36 41.74 -29.63
C ASN B 122 -2.50 40.32 -29.04
N ILE B 123 -2.56 40.25 -27.72
CA ILE B 123 -2.53 38.99 -26.98
C ILE B 123 -3.90 38.34 -26.74
N PHE B 124 -4.90 39.15 -26.34
CA PHE B 124 -6.27 38.64 -26.11
C PHE B 124 -7.24 39.09 -27.21
N GLY B 125 -7.87 38.13 -27.90
CA GLY B 125 -8.71 38.45 -29.05
C GLY B 125 -10.12 37.85 -29.12
N SER B 126 -10.57 37.59 -30.35
CA SER B 126 -11.95 37.13 -30.60
C SER B 126 -12.05 35.62 -30.61
N ILE B 127 -13.29 35.14 -30.53
CA ILE B 127 -13.57 33.72 -30.65
C ILE B 127 -12.99 33.15 -31.94
N GLU B 128 -13.14 33.87 -33.06
CA GLU B 128 -12.60 33.37 -34.33
C GLU B 128 -11.09 33.29 -34.28
N GLU B 129 -10.46 34.34 -33.76
CA GLU B 129 -9.03 34.30 -33.55
C GLU B 129 -8.65 33.05 -32.76
N ASP B 130 -9.19 32.91 -31.54
CA ASP B 130 -8.87 31.79 -30.66
C ASP B 130 -8.95 30.42 -31.33
N ALA B 131 -9.90 30.26 -32.25
CA ALA B 131 -10.15 28.95 -32.85
C ALA B 131 -8.97 28.51 -33.68
N GLN B 132 -8.19 29.48 -34.16
CA GLN B 132 -7.15 29.18 -35.13
C GLN B 132 -5.84 28.72 -34.49
N ARG B 133 -5.67 28.92 -33.18
CA ARG B 133 -4.42 28.52 -32.54
C ARG B 133 -4.53 27.12 -31.92
N ARG B 134 -5.72 26.55 -32.09
CA ARG B 134 -6.03 25.18 -31.67
C ARG B 134 -5.57 24.16 -32.71
N ASP B 135 -4.79 23.18 -32.26
CA ASP B 135 -4.29 22.10 -33.11
C ASP B 135 -5.30 21.45 -34.09
N PHE B 136 -6.27 20.66 -33.65
CA PHE B 136 -7.11 19.98 -34.65
C PHE B 136 -8.54 20.47 -34.73
N THR B 137 -9.25 19.99 -35.74
CA THR B 137 -10.59 20.48 -36.04
C THR B 137 -11.61 20.19 -34.94
N ILE B 138 -11.95 18.91 -34.78
CA ILE B 138 -12.96 18.52 -33.83
C ILE B 138 -12.70 19.11 -32.43
N ASN B 139 -11.43 19.14 -32.01
CA ASN B 139 -11.08 19.73 -30.71
C ASN B 139 -11.20 21.25 -30.70
N SER B 140 -11.96 21.77 -31.65
CA SER B 140 -12.06 23.21 -31.79
C SER B 140 -13.49 23.68 -32.07
N LEU B 141 -14.46 22.89 -31.64
CA LEU B 141 -15.86 23.29 -31.63
C LEU B 141 -16.19 24.05 -30.33
N TYR B 142 -17.15 24.98 -30.40
CA TYR B 142 -17.55 25.80 -29.25
C TYR B 142 -19.05 25.73 -28.96
N TYR B 143 -19.41 25.71 -27.68
CA TYR B 143 -20.83 25.68 -27.26
C TYR B 143 -21.17 26.84 -26.33
N SER B 144 -22.34 27.44 -26.58
CA SER B 144 -22.82 28.57 -25.78
C SER B 144 -24.07 28.16 -25.04
N VAL B 145 -23.98 28.18 -23.72
CA VAL B 145 -25.16 27.97 -22.88
C VAL B 145 -26.15 29.09 -23.18
N ALA B 146 -25.62 30.26 -23.51
CA ALA B 146 -26.44 31.43 -23.75
C ALA B 146 -27.27 31.38 -25.04
N ASP B 147 -26.86 30.55 -26.00
CA ASP B 147 -27.64 30.41 -27.23
C ASP B 147 -27.76 29.00 -27.81
N PHE B 148 -27.30 27.99 -27.08
CA PHE B 148 -27.48 26.61 -27.50
C PHE B 148 -26.99 26.38 -28.92
N THR B 149 -26.12 27.27 -29.38
CA THR B 149 -25.50 27.17 -30.71
C THR B 149 -24.05 26.72 -30.57
N VAL B 150 -23.58 25.95 -31.54
CA VAL B 150 -22.16 25.61 -31.62
C VAL B 150 -21.52 26.33 -32.82
N ARG B 151 -20.37 26.95 -32.56
CA ARG B 151 -19.63 27.72 -33.55
C ARG B 151 -18.53 26.89 -34.18
N ASP B 152 -18.42 26.97 -35.50
CA ASP B 152 -17.55 26.12 -36.28
C ASP B 152 -16.74 26.94 -37.30
N TYR B 153 -15.69 27.62 -36.88
CA TYR B 153 -14.94 28.48 -37.80
C TYR B 153 -13.98 27.69 -38.66
N VAL B 154 -14.07 26.37 -38.55
CA VAL B 154 -13.05 25.43 -38.98
C VAL B 154 -13.80 24.30 -39.69
N GLY B 155 -13.12 23.21 -40.03
CA GLY B 155 -13.79 22.07 -40.63
C GLY B 155 -14.85 21.49 -39.71
N GLY B 156 -14.40 21.16 -38.49
CA GLY B 156 -15.26 20.66 -37.43
C GLY B 156 -16.40 19.72 -37.78
N MET B 157 -17.61 20.23 -37.65
CA MET B 157 -18.81 19.45 -37.86
C MET B 157 -18.69 18.36 -38.92
N LYS B 158 -18.07 18.66 -40.06
CA LYS B 158 -17.91 17.63 -41.07
C LYS B 158 -16.83 16.64 -40.66
N ASP B 159 -15.65 17.15 -40.33
CA ASP B 159 -14.54 16.31 -39.88
C ASP B 159 -15.02 15.33 -38.82
N LEU B 160 -15.70 15.87 -37.82
CA LEU B 160 -16.29 15.10 -36.75
C LEU B 160 -17.24 14.02 -37.29
N LYS B 161 -18.06 14.39 -38.27
CA LYS B 161 -19.01 13.44 -38.85
C LYS B 161 -18.30 12.36 -39.65
N ASP B 162 -17.38 12.78 -40.52
CA ASP B 162 -16.68 11.86 -41.41
C ASP B 162 -15.67 11.02 -40.60
N GLY B 163 -15.24 11.57 -39.48
CA GLY B 163 -14.29 10.88 -38.64
C GLY B 163 -12.89 11.10 -39.15
N VAL B 164 -12.44 12.36 -39.03
CA VAL B 164 -11.18 12.76 -39.61
C VAL B 164 -10.39 13.70 -38.69
N ILE B 165 -9.16 13.31 -38.40
CA ILE B 165 -8.30 14.15 -37.60
C ILE B 165 -7.61 15.09 -38.55
N ARG B 166 -8.12 16.32 -38.72
CA ARG B 166 -7.44 17.27 -39.61
C ARG B 166 -6.73 18.36 -38.83
N LEU B 167 -5.51 18.71 -39.20
CA LEU B 167 -4.83 19.82 -38.53
C LEU B 167 -5.36 21.16 -39.03
N ILE B 168 -4.99 22.26 -38.38
CA ILE B 168 -5.62 23.56 -38.65
C ILE B 168 -4.92 24.56 -39.59
N GLY B 169 -3.72 25.01 -39.25
CA GLY B 169 -3.00 25.91 -40.15
C GLY B 169 -2.37 25.17 -41.31
N ASN B 170 -1.11 25.50 -41.58
CA ASN B 170 -0.34 24.71 -42.51
C ASN B 170 0.44 23.66 -41.77
N PRO B 171 0.03 22.39 -41.91
CA PRO B 171 0.75 21.32 -41.22
C PRO B 171 2.23 21.61 -41.16
N GLU B 172 2.87 21.65 -42.32
CA GLU B 172 4.31 21.89 -42.43
C GLU B 172 4.85 22.81 -41.32
N THR B 173 4.21 23.96 -41.15
CA THR B 173 4.75 25.00 -40.26
C THR B 173 4.38 24.76 -38.80
N ARG B 174 3.17 24.26 -38.58
CA ARG B 174 2.69 24.00 -37.23
C ARG B 174 3.56 22.93 -36.55
N TYR B 175 3.76 21.80 -37.23
CA TYR B 175 4.62 20.77 -36.70
C TYR B 175 6.01 21.30 -36.41
N ARG B 176 6.44 22.36 -37.09
CA ARG B 176 7.80 22.86 -36.86
C ARG B 176 7.87 23.74 -35.60
N GLU B 177 6.77 24.46 -35.36
CA GLU B 177 6.60 25.32 -34.20
C GLU B 177 6.50 24.45 -32.94
N ASP B 178 5.56 23.50 -32.96
CA ASP B 178 5.41 22.50 -31.90
C ASP B 178 5.26 21.08 -32.43
N PRO B 179 6.38 20.36 -32.51
CA PRO B 179 6.46 19.01 -33.06
C PRO B 179 5.51 18.07 -32.35
N VAL B 180 5.34 18.27 -31.04
CA VAL B 180 4.49 17.37 -30.26
C VAL B 180 3.09 17.25 -30.85
N ARG B 181 2.65 18.29 -31.55
CA ARG B 181 1.38 18.23 -32.27
C ARG B 181 1.34 16.95 -33.08
N MET B 182 2.50 16.48 -33.50
CA MET B 182 2.53 15.30 -34.34
C MET B 182 2.14 14.07 -33.56
N LEU B 183 2.58 14.00 -32.30
CA LEU B 183 2.26 12.90 -31.43
C LEU B 183 0.77 12.95 -31.14
N ARG B 184 0.29 14.14 -30.80
CA ARG B 184 -1.13 14.31 -30.52
C ARG B 184 -1.99 13.79 -31.66
N ALA B 185 -1.60 14.13 -32.88
CA ALA B 185 -2.35 13.71 -34.05
C ALA B 185 -2.68 12.23 -33.99
N VAL B 186 -1.66 11.43 -33.70
CA VAL B 186 -1.79 9.97 -33.65
C VAL B 186 -2.67 9.58 -32.48
N ARG B 187 -2.38 10.18 -31.32
CA ARG B 187 -3.11 9.91 -30.10
C ARG B 187 -4.62 9.99 -30.28
N PHE B 188 -5.11 11.11 -30.81
CA PHE B 188 -6.54 11.24 -31.11
C PHE B 188 -6.91 10.25 -32.19
N ALA B 189 -6.01 10.07 -33.14
CA ALA B 189 -6.24 9.12 -34.22
C ALA B 189 -6.66 7.76 -33.67
N ALA B 190 -5.98 7.31 -32.61
CA ALA B 190 -6.27 5.99 -32.01
C ALA B 190 -7.48 6.00 -31.07
N LYS B 191 -7.58 7.00 -30.18
CA LYS B 191 -8.67 7.01 -29.19
C LYS B 191 -10.11 7.08 -29.71
N LEU B 192 -10.40 8.02 -30.60
CA LEU B 192 -11.58 7.92 -31.47
C LEU B 192 -11.19 7.07 -32.66
N GLY B 193 -12.14 6.39 -33.30
CA GLY B 193 -11.77 5.50 -34.37
C GLY B 193 -11.51 6.16 -35.71
N MET B 194 -10.73 7.24 -35.70
CA MET B 194 -10.64 8.15 -36.86
C MET B 194 -9.34 8.08 -37.65
N ARG B 195 -9.41 8.51 -38.91
CA ARG B 195 -8.23 8.56 -39.78
C ARG B 195 -7.68 9.97 -39.94
N ILE B 196 -6.37 10.04 -40.16
CA ILE B 196 -5.73 11.32 -40.32
C ILE B 196 -5.84 11.79 -41.77
N SER B 197 -6.18 13.07 -41.91
CA SER B 197 -6.26 13.68 -43.22
C SER B 197 -4.93 13.51 -43.88
N PRO B 198 -4.96 13.28 -45.20
CA PRO B 198 -3.75 13.11 -46.00
C PRO B 198 -2.73 14.28 -45.84
N GLU B 199 -3.19 15.52 -45.96
CA GLU B 199 -2.27 16.65 -45.87
C GLU B 199 -1.68 16.73 -44.47
N THR B 200 -2.46 16.31 -43.47
CA THR B 200 -2.02 16.27 -42.08
C THR B 200 -1.04 15.12 -41.87
N ALA B 201 -1.26 14.02 -42.59
CA ALA B 201 -0.43 12.83 -42.49
C ALA B 201 0.95 12.94 -43.19
N GLU B 202 0.95 13.37 -44.46
CA GLU B 202 2.16 13.40 -45.31
C GLU B 202 3.47 13.73 -44.58
N PRO B 203 3.49 14.85 -43.85
CA PRO B 203 4.70 15.43 -43.25
C PRO B 203 5.23 14.68 -42.04
N ILE B 204 4.47 13.76 -41.46
CA ILE B 204 4.89 13.25 -40.17
C ILE B 204 6.17 12.42 -40.30
N PRO B 205 6.14 11.41 -41.17
CA PRO B 205 7.31 10.53 -41.21
C PRO B 205 8.60 11.30 -41.49
N ARG B 206 8.51 12.32 -42.34
CA ARG B 206 9.68 13.15 -42.67
C ARG B 206 10.12 13.98 -41.48
N LEU B 207 9.15 14.48 -40.72
CA LEU B 207 9.44 15.43 -39.64
C LEU B 207 9.58 14.78 -38.28
N ALA B 208 9.25 13.50 -38.17
CA ALA B 208 9.30 12.84 -36.88
C ALA B 208 10.57 13.20 -36.11
N THR B 209 11.70 13.15 -36.75
CA THR B 209 12.94 13.24 -36.03
C THR B 209 12.93 14.51 -35.21
N LEU B 210 12.09 15.46 -35.60
CA LEU B 210 11.98 16.73 -34.89
C LEU B 210 11.63 16.65 -33.39
N LEU B 211 11.20 15.48 -32.94
CA LEU B 211 10.86 15.31 -31.54
C LEU B 211 12.11 15.29 -30.66
N ASN B 212 13.29 15.26 -31.27
CA ASN B 212 14.52 15.13 -30.48
C ASN B 212 14.98 16.45 -29.92
N ASP B 213 14.42 17.52 -30.50
CA ASP B 213 14.69 18.87 -30.04
C ASP B 213 13.68 19.22 -28.95
N ILE B 214 13.02 18.19 -28.41
CA ILE B 214 12.02 18.36 -27.37
C ILE B 214 12.61 18.01 -26.00
N PRO B 215 12.28 18.82 -24.96
CA PRO B 215 12.71 18.52 -23.59
C PRO B 215 12.20 17.15 -23.24
N PRO B 216 13.10 16.27 -22.77
CA PRO B 216 12.69 14.88 -22.56
C PRO B 216 11.51 14.78 -21.59
N ALA B 217 11.47 15.67 -20.60
CA ALA B 217 10.35 15.70 -19.68
C ALA B 217 9.04 15.79 -20.46
N HIS B 218 8.89 16.80 -21.30
CA HIS B 218 7.66 16.97 -22.04
C HIS B 218 7.25 15.72 -22.77
N LEU B 219 8.24 14.99 -23.26
CA LEU B 219 8.02 13.77 -24.02
C LEU B 219 7.51 12.64 -23.14
N PHE B 220 8.07 12.60 -21.94
CA PHE B 220 7.64 11.62 -20.98
C PHE B 220 6.13 11.73 -20.72
N GLU B 221 5.60 12.96 -20.62
CA GLU B 221 4.15 13.12 -20.44
C GLU B 221 3.38 12.50 -21.56
N GLU B 222 3.77 12.87 -22.79
CA GLU B 222 3.06 12.40 -23.96
C GLU B 222 3.26 10.90 -24.14
N SER B 223 4.36 10.36 -23.63
CA SER B 223 4.51 8.90 -23.69
C SER B 223 3.39 8.21 -22.88
N LEU B 224 3.02 8.83 -21.78
CA LEU B 224 1.98 8.28 -20.94
C LEU B 224 0.62 8.54 -21.53
N LYS B 225 0.40 9.74 -22.04
CA LYS B 225 -0.89 10.05 -22.66
C LYS B 225 -1.21 9.10 -23.83
N LEU B 226 -0.16 8.49 -24.39
CA LEU B 226 -0.31 7.67 -25.59
C LEU B 226 -0.53 6.20 -25.24
N LEU B 227 0.34 5.65 -24.42
CA LEU B 227 0.27 4.23 -24.11
C LEU B 227 -0.61 3.96 -22.88
N GLN B 228 -0.52 4.87 -21.91
CA GLN B 228 -1.01 4.60 -20.58
C GLN B 228 -2.43 5.08 -20.36
N ALA B 229 -3.10 5.51 -21.41
CA ALA B 229 -4.45 6.02 -21.22
C ALA B 229 -5.49 5.07 -21.78
N GLY B 230 -5.08 3.83 -21.98
CA GLY B 230 -6.03 2.79 -22.31
C GLY B 230 -6.38 2.63 -23.77
N TYR B 231 -5.50 3.15 -24.64
CA TYR B 231 -5.57 2.89 -26.08
C TYR B 231 -4.23 2.40 -26.59
N GLY B 232 -3.19 2.62 -25.79
CA GLY B 232 -1.87 2.03 -25.98
C GLY B 232 -1.61 1.11 -27.17
N TYR B 233 -2.38 0.04 -27.33
CA TYR B 233 -2.15 -0.86 -28.46
C TYR B 233 -2.38 -0.23 -29.83
N GLU B 234 -3.58 0.31 -30.05
CA GLU B 234 -3.88 0.93 -31.32
C GLU B 234 -2.99 2.15 -31.57
N THR B 235 -2.59 2.82 -30.51
CA THR B 235 -1.73 4.00 -30.64
C THR B 235 -0.27 3.64 -30.96
N TYR B 236 0.11 2.42 -30.65
CA TYR B 236 1.47 1.94 -30.92
C TYR B 236 1.55 1.52 -32.38
N LYS B 237 0.49 0.87 -32.85
CA LYS B 237 0.34 0.60 -34.26
C LYS B 237 0.54 1.90 -35.05
N LEU B 238 -0.10 2.98 -34.61
CA LEU B 238 0.00 4.23 -35.35
C LEU B 238 1.32 4.92 -35.11
N LEU B 239 1.90 4.75 -33.93
CA LEU B 239 3.19 5.36 -33.68
C LEU B 239 4.27 4.66 -34.50
N CYS B 240 4.03 3.39 -34.83
CA CYS B 240 4.99 2.64 -35.60
C CYS B 240 4.88 2.98 -37.08
N GLU B 241 3.65 3.12 -37.56
CA GLU B 241 3.37 3.40 -38.97
C GLU B 241 3.75 4.83 -39.42
N TYR B 242 4.21 5.68 -38.50
CA TYR B 242 4.64 7.02 -38.86
C TYR B 242 6.03 7.33 -38.35
N HIS B 243 6.77 6.29 -37.97
CA HIS B 243 8.13 6.44 -37.45
C HIS B 243 8.20 7.45 -36.31
N LEU B 244 7.10 7.51 -35.55
CA LEU B 244 7.04 8.34 -34.36
C LEU B 244 7.50 7.53 -33.16
N PHE B 245 7.34 6.22 -33.24
CA PHE B 245 7.81 5.35 -32.16
C PHE B 245 9.31 5.47 -31.98
N GLN B 246 10.03 5.67 -33.09
CA GLN B 246 11.48 5.55 -33.01
C GLN B 246 12.20 6.69 -32.27
N PRO B 247 11.78 7.95 -32.48
CA PRO B 247 12.44 9.04 -31.75
C PRO B 247 12.29 8.92 -30.24
N LEU B 248 11.23 8.24 -29.77
CA LEU B 248 10.95 8.12 -28.33
C LEU B 248 11.66 6.95 -27.65
N PHE B 249 11.68 5.82 -28.34
CA PHE B 249 12.29 4.65 -27.77
C PHE B 249 13.33 4.10 -28.71
N PRO B 250 14.45 4.81 -28.89
CA PRO B 250 15.54 4.27 -29.72
C PRO B 250 16.21 2.99 -29.17
N THR B 251 16.39 2.91 -27.87
CA THR B 251 16.95 1.71 -27.30
C THR B 251 16.06 0.56 -27.74
N ILE B 252 14.75 0.79 -27.83
CA ILE B 252 13.86 -0.32 -28.17
C ILE B 252 13.73 -0.63 -29.66
N THR B 253 13.61 0.39 -30.50
CA THR B 253 13.43 0.13 -31.93
C THR B 253 14.54 -0.80 -32.37
N ARG B 254 15.74 -0.51 -31.93
CA ARG B 254 16.94 -1.15 -32.39
C ARG B 254 16.83 -2.67 -32.36
N TYR B 255 16.05 -3.23 -31.44
CA TYR B 255 15.94 -4.69 -31.37
C TYR B 255 14.72 -5.26 -32.09
N PHE B 256 14.07 -4.46 -32.92
CA PHE B 256 13.00 -4.96 -33.79
C PHE B 256 13.59 -5.89 -34.83
N THR B 257 12.73 -6.65 -35.49
CA THR B 257 13.20 -7.65 -36.42
C THR B 257 12.37 -7.69 -37.67
N GLU B 258 13.03 -8.04 -38.78
CA GLU B 258 12.35 -8.17 -40.06
C GLU B 258 11.19 -9.16 -39.95
N ASN B 259 11.44 -10.31 -39.32
CA ASN B 259 10.41 -11.37 -39.26
C ASN B 259 9.04 -10.80 -38.85
N GLY B 260 9.03 -9.94 -37.83
CA GLY B 260 7.81 -9.30 -37.39
C GLY B 260 7.46 -9.47 -35.92
N ASP B 261 7.69 -10.67 -35.37
CA ASP B 261 7.25 -10.99 -34.01
C ASP B 261 8.24 -11.84 -33.22
N SER B 262 9.32 -11.22 -32.74
CA SER B 262 10.29 -11.83 -31.82
C SER B 262 9.72 -11.88 -30.39
N PRO B 263 10.54 -12.15 -29.34
CA PRO B 263 9.85 -12.17 -28.04
C PRO B 263 9.49 -10.76 -27.60
N MET B 264 10.41 -9.82 -27.75
CA MET B 264 10.14 -8.45 -27.35
C MET B 264 8.93 -7.87 -28.07
N GLU B 265 8.82 -8.14 -29.36
CA GLU B 265 7.77 -7.49 -30.12
C GLU B 265 6.41 -8.05 -29.75
N ARG B 266 6.41 -9.16 -29.02
CA ARG B 266 5.17 -9.79 -28.59
C ARG B 266 4.78 -9.21 -27.23
N ILE B 267 5.77 -9.12 -26.35
CA ILE B 267 5.53 -8.62 -25.01
C ILE B 267 4.94 -7.22 -25.15
N ILE B 268 5.60 -6.38 -25.92
CA ILE B 268 5.17 -5.01 -26.06
C ILE B 268 3.72 -4.94 -26.50
N GLU B 269 3.32 -5.82 -27.40
CA GLU B 269 1.93 -5.78 -27.84
C GLU B 269 1.08 -6.14 -26.65
N GLN B 270 1.42 -7.25 -26.01
CA GLN B 270 0.65 -7.77 -24.89
C GLN B 270 0.49 -6.80 -23.72
N VAL B 271 1.61 -6.44 -23.07
CA VAL B 271 1.58 -5.50 -21.98
C VAL B 271 0.71 -4.30 -22.35
N LEU B 272 0.73 -3.89 -23.60
CA LEU B 272 -0.10 -2.78 -24.04
C LEU B 272 -1.58 -3.14 -24.12
N LYS B 273 -1.91 -4.29 -24.70
CA LYS B 273 -3.30 -4.73 -24.72
C LYS B 273 -3.85 -4.90 -23.29
N ASN B 274 -3.02 -5.42 -22.38
CA ASN B 274 -3.40 -5.59 -20.98
C ASN B 274 -3.50 -4.27 -20.22
N THR B 275 -2.42 -3.50 -20.20
CA THR B 275 -2.48 -2.16 -19.63
C THR B 275 -3.76 -1.51 -20.12
N ASP B 276 -4.12 -1.79 -21.37
CA ASP B 276 -5.35 -1.26 -21.95
C ASP B 276 -6.60 -1.83 -21.25
N THR B 277 -6.69 -3.15 -21.17
CA THR B 277 -7.82 -3.83 -20.52
C THR B 277 -8.02 -3.34 -19.09
N ARG B 278 -6.93 -3.16 -18.34
CA ARG B 278 -7.07 -2.69 -16.96
C ARG B 278 -7.73 -1.32 -16.91
N ILE B 279 -7.32 -0.42 -17.78
CA ILE B 279 -7.90 0.91 -17.78
C ILE B 279 -9.40 0.90 -18.03
N HIS B 280 -9.88 0.03 -18.91
CA HIS B 280 -11.31 0.04 -19.23
C HIS B 280 -12.19 -0.58 -18.15
N ASN B 281 -11.61 -1.47 -17.38
CA ASN B 281 -12.31 -2.09 -16.27
C ASN B 281 -12.14 -1.19 -15.07
N ASP B 282 -11.56 -0.04 -15.34
CA ASP B 282 -11.29 0.96 -14.32
C ASP B 282 -10.26 0.61 -13.24
N MET B 283 -9.40 -0.39 -13.48
CA MET B 283 -8.30 -0.62 -12.54
C MET B 283 -7.39 0.59 -12.55
N ARG B 284 -6.46 0.65 -11.60
CA ARG B 284 -5.40 1.64 -11.64
C ARG B 284 -4.27 0.91 -12.30
N VAL B 285 -3.23 1.63 -12.69
CA VAL B 285 -2.11 0.97 -13.34
C VAL B 285 -0.75 1.62 -13.11
N ASN B 286 0.25 0.76 -13.03
CA ASN B 286 1.62 1.14 -12.75
C ASN B 286 2.34 1.51 -14.05
N PRO B 287 2.87 2.75 -14.13
CA PRO B 287 3.62 3.07 -15.34
C PRO B 287 5.01 2.46 -15.21
N ALA B 288 5.52 2.37 -13.99
CA ALA B 288 6.82 1.78 -13.77
C ALA B 288 6.82 0.40 -14.39
N PHE B 289 5.64 -0.21 -14.41
CA PHE B 289 5.48 -1.52 -15.02
C PHE B 289 5.66 -1.46 -16.55
N LEU B 290 4.87 -0.66 -17.22
CA LEU B 290 4.83 -0.74 -18.66
C LEU B 290 6.24 -0.64 -19.20
N PHE B 291 7.05 0.22 -18.62
CA PHE B 291 8.44 0.36 -19.06
C PHE B 291 9.22 -0.88 -18.73
N ALA B 292 9.13 -1.31 -17.47
CA ALA B 292 9.80 -2.51 -17.04
C ALA B 292 9.54 -3.67 -17.97
N ALA B 293 8.32 -3.75 -18.51
CA ALA B 293 8.00 -4.79 -19.49
C ALA B 293 8.69 -4.53 -20.83
N MET B 294 8.49 -3.33 -21.39
CA MET B 294 9.03 -3.07 -22.73
C MET B 294 10.55 -3.14 -22.89
N PHE B 295 11.26 -2.59 -21.93
CA PHE B 295 12.71 -2.61 -21.98
C PHE B 295 13.29 -3.92 -21.49
N TRP B 296 12.44 -4.87 -21.13
CA TRP B 296 12.93 -6.09 -20.51
C TRP B 296 13.96 -6.80 -21.36
N TYR B 297 13.51 -7.26 -22.53
CA TYR B 297 14.38 -8.01 -23.43
C TYR B 297 15.66 -7.29 -23.86
N PRO B 298 15.58 -5.99 -24.10
CA PRO B 298 16.80 -5.20 -24.28
C PRO B 298 17.73 -5.28 -23.08
N LEU B 299 17.18 -5.28 -21.87
CA LEU B 299 18.01 -5.33 -20.67
C LEU B 299 18.72 -6.67 -20.68
N LEU B 300 18.00 -7.67 -21.16
CA LEU B 300 18.45 -9.04 -21.12
C LEU B 300 19.59 -9.27 -22.13
N GLU B 301 19.41 -8.67 -23.30
CA GLU B 301 20.40 -8.67 -24.35
C GLU B 301 21.66 -8.00 -23.85
N THR B 302 21.50 -6.85 -23.23
CA THR B 302 22.65 -6.09 -22.75
C THR B 302 23.34 -6.86 -21.65
N ALA B 303 22.62 -7.80 -21.05
CA ALA B 303 23.20 -8.64 -20.01
C ALA B 303 24.08 -9.69 -20.66
N GLN B 304 23.62 -10.23 -21.80
CA GLN B 304 24.42 -11.16 -22.59
C GLN B 304 25.78 -10.56 -22.95
N LYS B 305 25.77 -9.55 -23.82
CA LYS B 305 27.03 -8.91 -24.24
C LYS B 305 27.90 -8.49 -23.05
N ILE B 306 27.32 -7.89 -22.03
CA ILE B 306 28.07 -7.48 -20.84
C ILE B 306 28.81 -8.64 -20.16
N ALA B 307 28.30 -9.86 -20.33
CA ALA B 307 28.91 -11.00 -19.65
C ALA B 307 29.90 -11.83 -20.46
N GLN B 308 29.49 -12.30 -21.64
CA GLN B 308 30.41 -13.00 -22.53
C GLN B 308 31.59 -12.11 -22.98
N GLU B 309 31.32 -10.82 -23.17
CA GLU B 309 32.39 -9.83 -23.30
C GLU B 309 32.74 -9.28 -21.91
N SER B 310 33.94 -8.78 -21.70
CA SER B 310 34.22 -8.12 -20.46
C SER B 310 33.77 -9.04 -19.34
N GLY B 311 33.93 -10.34 -19.59
CA GLY B 311 33.54 -11.37 -18.63
C GLY B 311 33.50 -11.11 -17.13
N LEU B 312 32.29 -11.08 -16.59
CA LEU B 312 32.07 -11.09 -15.14
C LEU B 312 30.80 -11.85 -14.79
N THR B 313 30.51 -11.91 -13.49
CA THR B 313 29.38 -12.65 -12.96
C THR B 313 28.05 -12.20 -13.57
N TYR B 314 27.08 -13.11 -13.70
CA TYR B 314 25.80 -12.71 -14.31
C TYR B 314 25.07 -11.66 -13.49
N HIS B 315 25.22 -11.71 -12.18
CA HIS B 315 24.56 -10.76 -11.28
C HIS B 315 25.07 -9.33 -11.49
N ASP B 316 26.38 -9.13 -11.32
CA ASP B 316 26.96 -7.80 -11.45
C ASP B 316 26.83 -7.29 -12.88
N ALA B 317 26.81 -8.23 -13.83
CA ALA B 317 26.62 -7.93 -15.23
C ALA B 317 25.24 -7.31 -15.45
N PHE B 318 24.22 -8.07 -15.11
CA PHE B 318 22.84 -7.62 -15.16
C PHE B 318 22.69 -6.22 -14.57
N ALA B 319 23.21 -6.04 -13.36
CA ALA B 319 23.17 -4.74 -12.70
C ALA B 319 23.68 -3.61 -13.58
N LEU B 320 24.76 -3.87 -14.29
CA LEU B 320 25.30 -2.91 -15.26
C LEU B 320 24.30 -2.63 -16.35
N ALA B 321 23.76 -3.69 -16.93
CA ALA B 321 22.80 -3.57 -18.00
C ALA B 321 21.66 -2.63 -17.60
N MET B 322 21.25 -2.66 -16.34
CA MET B 322 20.18 -1.78 -15.88
C MET B 322 20.60 -0.31 -16.00
N ASN B 323 21.69 0.05 -15.34
CA ASN B 323 22.14 1.42 -15.36
C ASN B 323 22.18 1.98 -16.77
N ASP B 324 22.65 1.17 -17.71
CA ASP B 324 22.84 1.60 -19.10
C ASP B 324 21.55 1.65 -19.91
N VAL B 325 20.87 0.51 -20.00
CA VAL B 325 19.56 0.47 -20.66
C VAL B 325 18.77 1.68 -20.20
N LEU B 326 18.72 1.87 -18.89
CA LEU B 326 17.95 2.95 -18.28
C LEU B 326 18.55 4.33 -18.49
N ASP B 327 19.87 4.40 -18.55
CA ASP B 327 20.51 5.67 -18.78
C ASP B 327 20.09 6.20 -20.15
N GLU B 328 20.49 5.49 -21.20
CA GLU B 328 20.25 5.92 -22.56
C GLU B 328 18.76 5.98 -22.92
N ALA B 329 17.94 5.20 -22.24
CA ALA B 329 16.50 5.28 -22.49
C ALA B 329 16.02 6.61 -21.92
N CYS B 330 16.53 6.89 -20.72
CA CYS B 330 16.14 8.07 -19.96
C CYS B 330 16.70 9.29 -20.66
N ARG B 331 17.25 9.09 -21.85
CA ARG B 331 17.88 10.14 -22.61
C ARG B 331 16.87 10.73 -23.58
N SER B 332 15.83 9.98 -23.88
CA SER B 332 14.75 10.47 -24.73
C SER B 332 13.58 10.86 -23.85
N LEU B 333 12.82 9.89 -23.35
CA LEU B 333 11.84 10.20 -22.32
C LEU B 333 12.61 10.46 -21.04
N ALA B 334 12.20 11.44 -20.27
CA ALA B 334 12.86 11.70 -19.01
C ALA B 334 12.10 11.01 -17.88
N ILE B 335 12.27 9.70 -17.75
CA ILE B 335 11.61 8.99 -16.67
C ILE B 335 12.11 9.49 -15.32
N PRO B 336 11.18 9.87 -14.43
CA PRO B 336 11.46 10.40 -13.09
C PRO B 336 12.15 9.37 -12.22
N LYS B 337 12.98 9.83 -11.30
CA LYS B 337 13.80 8.94 -10.47
C LYS B 337 12.93 7.90 -9.79
N ARG B 338 11.70 8.30 -9.49
CA ARG B 338 10.73 7.43 -8.83
C ARG B 338 10.50 6.17 -9.64
N LEU B 339 10.06 6.32 -10.88
CA LEU B 339 9.70 5.17 -11.67
C LEU B 339 10.90 4.27 -11.97
N THR B 340 11.99 4.86 -12.43
CA THR B 340 13.19 4.10 -12.71
C THR B 340 13.48 3.17 -11.53
N THR B 341 13.43 3.73 -10.33
CA THR B 341 13.75 2.99 -9.11
C THR B 341 12.81 1.83 -8.80
N LEU B 342 11.54 1.96 -9.14
CA LEU B 342 10.63 0.83 -9.03
C LEU B 342 10.96 -0.20 -10.10
N THR B 343 11.20 0.27 -11.32
CA THR B 343 11.62 -0.61 -12.41
C THR B 343 12.84 -1.42 -11.99
N ARG B 344 13.79 -0.76 -11.37
CA ARG B 344 14.99 -1.44 -10.96
C ARG B 344 14.56 -2.60 -10.09
N ASP B 345 13.55 -2.39 -9.26
CA ASP B 345 13.07 -3.47 -8.38
C ASP B 345 12.30 -4.60 -9.10
N ILE B 346 11.48 -4.25 -10.08
CA ILE B 346 10.72 -5.27 -10.78
C ILE B 346 11.66 -6.20 -11.52
N TRP B 347 12.82 -5.69 -11.91
CA TRP B 347 13.80 -6.50 -12.61
C TRP B 347 14.58 -7.32 -11.59
N GLN B 348 15.09 -6.65 -10.57
CA GLN B 348 15.69 -7.33 -9.44
C GLN B 348 14.90 -8.59 -9.05
N LEU B 349 13.59 -8.44 -8.84
CA LEU B 349 12.79 -9.60 -8.46
C LEU B 349 12.83 -10.74 -9.47
N GLN B 350 12.89 -10.40 -10.76
CA GLN B 350 12.92 -11.42 -11.82
C GLN B 350 13.98 -12.48 -11.60
N LEU B 351 15.16 -12.07 -11.17
CA LEU B 351 16.19 -13.04 -10.88
C LEU B 351 15.82 -13.78 -9.61
N ARG B 352 15.56 -13.03 -8.54
CA ARG B 352 15.30 -13.63 -7.22
C ARG B 352 14.26 -14.73 -7.30
N MET B 353 13.09 -14.41 -7.86
CA MET B 353 12.02 -15.39 -8.05
C MET B 353 12.45 -16.60 -8.85
N SER B 354 13.41 -16.42 -9.76
CA SER B 354 13.91 -17.54 -10.56
C SER B 354 14.47 -18.65 -9.66
N ARG B 355 15.40 -18.32 -8.79
CA ARG B 355 15.97 -19.40 -8.02
C ARG B 355 14.91 -19.86 -7.07
N ARG B 356 14.51 -21.11 -7.26
CA ARG B 356 13.60 -21.80 -6.35
C ARG B 356 14.31 -22.01 -5.02
N GLN B 357 13.60 -21.62 -3.97
CA GLN B 357 14.13 -21.69 -2.62
C GLN B 357 13.04 -21.33 -1.62
N GLY B 358 13.40 -21.35 -0.35
CA GLY B 358 12.47 -21.12 0.74
C GLY B 358 12.67 -19.83 1.53
N LYS B 359 12.48 -19.94 2.85
CA LYS B 359 12.60 -18.83 3.81
C LYS B 359 12.51 -17.38 3.32
N ARG B 360 13.32 -17.00 2.35
CA ARG B 360 13.30 -15.66 1.79
C ARG B 360 11.98 -15.36 1.07
N ALA B 361 11.32 -16.41 0.60
CA ALA B 361 10.06 -16.26 -0.11
C ALA B 361 9.04 -15.36 0.60
N TRP B 362 8.93 -15.46 1.92
CA TRP B 362 8.02 -14.60 2.68
C TRP B 362 8.43 -13.13 2.56
N LYS B 363 9.69 -12.88 2.88
CA LYS B 363 10.38 -11.62 2.65
C LYS B 363 10.03 -11.01 1.28
N LEU B 364 9.79 -11.89 0.31
CA LEU B 364 9.60 -11.47 -1.08
C LEU B 364 8.15 -11.13 -1.35
N LEU B 365 7.28 -12.10 -1.09
CA LEU B 365 5.85 -11.94 -1.21
C LEU B 365 5.43 -10.61 -0.61
N GLU B 366 6.21 -10.17 0.38
CA GLU B 366 5.90 -8.97 1.13
C GLU B 366 6.24 -7.73 0.30
N HIS B 367 7.29 -7.84 -0.51
CA HIS B 367 7.77 -6.75 -1.37
C HIS B 367 6.62 -6.05 -2.06
N PRO B 368 6.59 -4.71 -1.96
CA PRO B 368 5.57 -3.79 -2.49
C PRO B 368 5.46 -3.87 -4.00
N LYS B 369 6.59 -4.15 -4.66
CA LYS B 369 6.58 -4.29 -6.10
C LYS B 369 6.46 -5.75 -6.56
N PHE B 370 6.34 -6.68 -5.61
CA PHE B 370 6.13 -8.10 -5.93
C PHE B 370 4.99 -8.30 -6.91
N ARG B 371 3.82 -7.75 -6.61
CA ARG B 371 2.65 -7.96 -7.47
C ARG B 371 2.98 -7.67 -8.93
N ALA B 372 3.74 -6.60 -9.16
CA ALA B 372 4.19 -6.25 -10.51
C ALA B 372 5.14 -7.32 -11.02
N ALA B 373 6.22 -7.54 -10.28
CA ALA B 373 7.21 -8.54 -10.65
C ALA B 373 6.57 -9.87 -11.04
N TYR B 374 5.49 -10.24 -10.39
CA TYR B 374 4.83 -11.48 -10.74
C TYR B 374 4.22 -11.33 -12.13
N ASP B 375 3.59 -10.18 -12.37
CA ASP B 375 2.91 -9.96 -13.63
C ASP B 375 3.88 -9.89 -14.84
N LEU B 376 5.13 -9.48 -14.61
CA LEU B 376 6.19 -9.56 -15.61
C LEU B 376 6.54 -11.02 -15.92
N LEU B 377 7.01 -11.74 -14.91
CA LEU B 377 7.21 -13.19 -15.02
C LEU B 377 6.02 -13.81 -15.75
N ALA B 378 4.83 -13.27 -15.54
CA ALA B 378 3.64 -13.74 -16.23
C ALA B 378 3.82 -13.61 -17.74
N LEU B 379 4.07 -12.38 -18.18
CA LEU B 379 4.36 -12.10 -19.58
C LEU B 379 5.57 -12.90 -20.07
N ARG B 380 6.74 -12.64 -19.47
CA ARG B 380 7.94 -13.41 -19.82
C ARG B 380 7.62 -14.85 -20.19
N ALA B 381 6.73 -15.51 -19.45
CA ALA B 381 6.42 -16.90 -19.70
C ALA B 381 5.33 -17.10 -20.77
N GLU B 382 4.42 -16.16 -20.90
CA GLU B 382 3.42 -16.21 -21.97
C GLU B 382 4.07 -16.09 -23.34
N VAL B 383 4.91 -15.06 -23.51
CA VAL B 383 5.48 -14.74 -24.82
C VAL B 383 6.53 -15.75 -25.29
N GLU B 384 7.43 -16.15 -24.40
CA GLU B 384 8.46 -17.15 -24.73
C GLU B 384 7.90 -18.57 -24.77
N ARG B 385 6.73 -18.76 -24.18
CA ARG B 385 6.08 -20.06 -24.21
C ARG B 385 7.06 -21.09 -23.67
N ASN B 386 7.95 -20.62 -22.81
CA ASN B 386 8.92 -21.46 -22.12
C ASN B 386 8.32 -22.12 -20.89
N ALA B 387 7.99 -23.41 -21.00
CA ALA B 387 7.15 -24.06 -19.98
C ALA B 387 7.83 -24.23 -18.62
N GLU B 388 9.14 -24.02 -18.55
CA GLU B 388 9.81 -24.04 -17.25
C GLU B 388 9.62 -22.71 -16.50
N LEU B 389 9.28 -21.66 -17.23
CA LEU B 389 8.81 -20.41 -16.62
C LEU B 389 7.37 -20.56 -16.18
N GLN B 390 6.50 -20.88 -17.12
CA GLN B 390 5.09 -21.12 -16.81
C GLN B 390 5.01 -22.04 -15.59
N ARG B 391 6.12 -22.75 -15.36
CA ARG B 391 6.32 -23.59 -14.19
C ARG B 391 6.45 -22.72 -12.94
N LEU B 392 7.53 -21.94 -12.86
CA LEU B 392 7.69 -20.90 -11.85
C LEU B 392 6.43 -20.06 -11.69
N VAL B 393 5.64 -19.92 -12.76
CA VAL B 393 4.45 -19.08 -12.71
C VAL B 393 3.30 -19.74 -11.95
N LYS B 394 3.15 -21.05 -12.10
CA LYS B 394 2.13 -21.78 -11.34
C LYS B 394 2.52 -21.82 -9.87
N TRP B 395 3.79 -22.07 -9.60
CA TRP B 395 4.27 -22.13 -8.23
C TRP B 395 3.98 -20.85 -7.44
N TRP B 396 4.49 -19.72 -7.92
CA TRP B 396 4.23 -18.44 -7.28
C TRP B 396 2.74 -18.09 -7.32
N GLY B 397 2.01 -18.71 -8.24
CA GLY B 397 0.60 -18.46 -8.35
C GLY B 397 -0.03 -18.96 -7.08
N GLU B 398 0.32 -20.20 -6.73
CA GLU B 398 -0.25 -20.91 -5.59
C GLU B 398 0.31 -20.46 -4.26
N PHE B 399 1.58 -20.11 -4.25
CA PHE B 399 2.22 -19.71 -3.01
C PHE B 399 1.63 -18.45 -2.44
N GLN B 400 0.89 -17.69 -3.24
CA GLN B 400 0.47 -16.35 -2.82
C GLN B 400 -1.01 -16.27 -2.45
N VAL B 401 -1.77 -17.28 -2.84
CA VAL B 401 -3.19 -17.37 -2.52
C VAL B 401 -3.39 -18.44 -1.46
N SER B 402 -2.38 -19.30 -1.35
CA SER B 402 -2.33 -20.33 -0.33
C SER B 402 -2.23 -19.74 1.10
N ALA B 403 -2.78 -20.46 2.08
CA ALA B 403 -2.78 -20.00 3.46
C ALA B 403 -1.57 -20.55 4.24
N PRO B 404 -1.18 -19.87 5.30
CA PRO B 404 0.15 -20.02 5.89
C PRO B 404 0.56 -21.45 6.24
N PRO B 405 -0.34 -22.29 6.73
CA PRO B 405 0.07 -23.70 6.93
C PRO B 405 0.55 -24.40 5.66
N ASP B 406 -0.02 -24.08 4.50
CA ASP B 406 0.41 -24.68 3.24
C ASP B 406 1.59 -23.92 2.65
N GLN B 407 1.61 -22.60 2.84
CA GLN B 407 2.75 -21.80 2.42
C GLN B 407 4.03 -22.41 3.03
N LYS B 408 3.92 -22.84 4.29
CA LYS B 408 5.00 -23.50 5.02
C LYS B 408 5.40 -24.80 4.32
N GLY B 409 4.40 -25.55 3.86
CA GLY B 409 4.62 -26.82 3.22
C GLY B 409 5.27 -26.78 1.83
N MET B 410 5.35 -25.59 1.24
CA MET B 410 5.85 -25.45 -0.13
C MET B 410 7.36 -25.25 -0.18
N LEU B 411 7.99 -25.11 0.98
CA LEU B 411 9.41 -24.79 1.04
C LEU B 411 10.27 -25.93 1.59
MG MG C . 10.76 -1.45 27.01
C1 GOL D . 7.46 -2.91 37.37
O1 GOL D . 6.27 -2.17 37.29
C2 GOL D . 8.01 -3.25 35.97
O2 GOL D . 8.38 -2.03 35.36
C3 GOL D . 9.25 -4.13 36.08
O3 GOL D . 9.15 -5.31 35.30
C1 GOL E . -1.15 23.31 -27.24
O1 GOL E . 0.08 23.55 -27.90
C2 GOL E . -2.18 24.40 -27.57
O2 GOL E . -1.84 25.11 -28.77
C3 GOL E . -3.58 23.74 -27.69
O3 GOL E . -4.60 24.72 -27.59
MG MG F . -7.93 19.95 -19.63
#